data_5LE8
#
_entry.id   5LE8
#
_cell.length_a   54.760
_cell.length_b   73.540
_cell.length_c   77.980
_cell.angle_alpha   96.03
_cell.angle_beta   103.43
_cell.angle_gamma   89.52
#
_symmetry.space_group_name_H-M   'P 1'
#
loop_
_entity.id
_entity.type
_entity.pdbx_description
1 polymer DD_D12_15_D12
2 non-polymer 'SULFATE ION'
3 non-polymer GLYCEROL
4 non-polymer 2-AMINO-2-HYDROXYMETHYL-PROPANE-1,3-DIOL
5 water water
#
_entity_poly.entity_id   1
_entity_poly.type   'polypeptide(L)'
_entity_poly.pdbx_seq_one_letter_code
;MRGSHHHHHHGSDLGKKLLEAARAGQDDEVRILLANGADVNTADETGFTPLHLAAWEGHLGIVEVLLKNGADVNANDERG
HTPLHLAAYTGHLEIVEVLLKNGAGVNATDVIGTAPLHLAAMWGHLEIVEVLLKNGADVRAQDKFGKTPKDLARDNGNEW
IRELLEKAERKLKDLDRKLLEAARAGHRDEVEDLIKNGADVNTADETGFTPLHLAAWEGHLGIVEVLLKNGADVNANDER
GHTPLHLAAYTGHLEIVEVLLKNGAGVNATDVIGTAPLHLAAMWGHLEIVEVLLKHGADVNAQDKFGKTPFDLAIDNGNE
DIAEVLQKAA
;
_entity_poly.pdbx_strand_id   A,B
#
loop_
_chem_comp.id
_chem_comp.type
_chem_comp.name
_chem_comp.formula
GOL non-polymer GLYCEROL 'C3 H8 O3'
SO4 non-polymer 'SULFATE ION' 'O4 S -2'
TRS non-polymer 2-AMINO-2-HYDROXYMETHYL-PROPANE-1,3-DIOL 'C4 H12 N O3 1'
#
# COMPACT_ATOMS: atom_id res chain seq x y z
N ASP A 13 -18.42 52.95 24.82
CA ASP A 13 -18.62 53.81 23.67
C ASP A 13 -17.35 53.93 22.84
N LEU A 14 -16.19 53.94 23.50
CA LEU A 14 -14.93 53.97 22.76
C LEU A 14 -14.79 52.74 21.87
N GLY A 15 -15.16 51.57 22.39
CA GLY A 15 -15.05 50.36 21.59
C GLY A 15 -15.85 50.43 20.31
N LYS A 16 -17.08 50.93 20.39
CA LYS A 16 -17.92 51.02 19.21
C LYS A 16 -17.37 52.01 18.19
N LYS A 17 -16.84 53.14 18.67
CA LYS A 17 -16.26 54.10 17.74
C LYS A 17 -15.03 53.52 17.05
N LEU A 18 -14.22 52.76 17.79
CA LEU A 18 -13.03 52.16 17.17
C LEU A 18 -13.42 51.14 16.10
N LEU A 19 -14.44 50.34 16.37
CA LEU A 19 -14.89 49.38 15.37
C LEU A 19 -15.33 50.09 14.10
N GLU A 20 -16.08 51.18 14.25
CA GLU A 20 -16.60 51.90 13.09
C GLU A 20 -15.49 52.61 12.33
N ALA A 21 -14.56 53.24 13.04
CA ALA A 21 -13.43 53.90 12.38
C ALA A 21 -12.59 52.89 11.62
N ALA A 22 -12.33 51.73 12.22
CA ALA A 22 -11.56 50.69 11.54
C ALA A 22 -12.29 50.21 10.29
N ARG A 23 -13.61 49.99 10.40
CA ARG A 23 -14.37 49.56 9.24
C ARG A 23 -14.41 50.63 8.16
N ALA A 24 -14.60 51.89 8.55
CA ALA A 24 -14.72 52.97 7.58
C ALA A 24 -13.39 53.41 6.98
N GLY A 25 -12.27 52.90 7.48
CA GLY A 25 -10.97 53.34 7.00
C GLY A 25 -10.58 54.74 7.47
N GLN A 26 -10.96 55.12 8.69
CA GLN A 26 -10.67 56.45 9.21
CA GLN A 26 -10.67 56.45 9.21
C GLN A 26 -9.37 56.37 10.00
N ASP A 27 -8.25 56.49 9.27
CA ASP A 27 -6.92 56.30 9.87
C ASP A 27 -6.68 57.26 11.03
N ASP A 28 -6.95 58.55 10.83
CA ASP A 28 -6.69 59.52 11.88
C ASP A 28 -7.53 59.23 13.11
N GLU A 29 -8.80 58.88 12.91
CA GLU A 29 -9.68 58.61 14.04
C GLU A 29 -9.24 57.38 14.83
N VAL A 30 -8.78 56.33 14.14
CA VAL A 30 -8.29 55.14 14.83
C VAL A 30 -7.17 55.51 15.80
N ARG A 31 -6.22 56.33 15.34
CA ARG A 31 -5.09 56.70 16.20
C ARG A 31 -5.56 57.47 17.43
N ILE A 32 -6.50 58.40 17.24
CA ILE A 32 -6.99 59.19 18.38
C ILE A 32 -7.73 58.30 19.36
N LEU A 33 -8.58 57.40 18.86
CA LEU A 33 -9.34 56.53 19.75
C LEU A 33 -8.40 55.63 20.54
N LEU A 34 -7.39 55.07 19.88
CA LEU A 34 -6.38 54.30 20.58
C LEU A 34 -5.62 55.16 21.58
N ALA A 35 -5.26 56.36 21.18
CA ALA A 35 -4.56 57.25 22.12
C ALA A 35 -5.41 57.53 23.35
N ASN A 36 -6.73 57.55 23.21
CA ASN A 36 -7.63 57.90 24.29
C ASN A 36 -8.16 56.67 25.04
N GLY A 37 -7.60 55.50 24.78
CA GLY A 37 -7.82 54.35 25.62
C GLY A 37 -8.76 53.30 25.06
N ALA A 38 -9.17 53.41 23.82
CA ALA A 38 -10.05 52.40 23.25
C ALA A 38 -9.37 51.05 23.27
N ASP A 39 -10.15 50.01 23.53
CA ASP A 39 -9.64 48.65 23.64
C ASP A 39 -9.39 48.11 22.24
N VAL A 40 -8.11 47.86 21.91
CA VAL A 40 -7.76 47.46 20.56
C VAL A 40 -8.39 46.12 20.20
N ASN A 41 -8.78 45.33 21.20
CA ASN A 41 -9.37 44.01 20.99
C ASN A 41 -10.85 43.98 21.35
N THR A 42 -11.52 45.13 21.34
CA THR A 42 -12.96 45.15 21.54
C THR A 42 -13.63 44.31 20.46
N ALA A 43 -14.81 43.79 20.78
CA ALA A 43 -15.47 42.84 19.90
C ALA A 43 -16.94 43.17 19.81
N ASP A 44 -17.48 43.18 18.59
CA ASP A 44 -18.90 43.48 18.40
C ASP A 44 -19.70 42.23 18.75
N GLU A 45 -21.01 42.27 18.48
CA GLU A 45 -21.91 41.22 18.95
C GLU A 45 -21.53 39.84 18.39
N THR A 46 -20.98 39.77 17.18
CA THR A 46 -20.62 38.50 16.57
C THR A 46 -19.15 38.16 16.75
N GLY A 47 -18.40 38.93 17.52
CA GLY A 47 -17.00 38.64 17.77
C GLY A 47 -16.01 39.29 16.82
N PHE A 48 -16.47 40.15 15.91
CA PHE A 48 -15.54 40.87 15.05
C PHE A 48 -14.79 41.94 15.86
N THR A 49 -13.48 41.94 15.76
CA THR A 49 -12.63 42.98 16.35
C THR A 49 -12.28 44.03 15.29
N PRO A 50 -11.75 45.18 15.70
CA PRO A 50 -11.32 46.16 14.70
C PRO A 50 -10.40 45.59 13.65
N LEU A 51 -9.52 44.66 14.05
CA LEU A 51 -8.60 44.07 13.07
C LEU A 51 -9.36 43.22 12.06
N HIS A 52 -10.38 42.48 12.49
CA HIS A 52 -11.25 41.76 11.54
C HIS A 52 -11.80 42.72 10.48
N LEU A 53 -12.35 43.85 10.92
CA LEU A 53 -13.07 44.74 10.02
C LEU A 53 -12.11 45.45 9.07
N ALA A 54 -10.94 45.85 9.55
CA ALA A 54 -9.96 46.48 8.67
C ALA A 54 -9.42 45.49 7.64
N ALA A 55 -9.20 44.23 8.05
CA ALA A 55 -8.73 43.21 7.12
C ALA A 55 -9.78 42.93 6.05
N TRP A 56 -11.05 42.89 6.45
CA TRP A 56 -12.14 42.61 5.51
C TRP A 56 -12.32 43.77 4.52
N GLU A 57 -12.23 45.01 4.97
CA GLU A 57 -12.43 46.15 4.10
C GLU A 57 -11.17 46.57 3.35
N GLY A 58 -10.03 45.96 3.67
CA GLY A 58 -8.81 46.21 2.92
C GLY A 58 -8.06 47.46 3.32
N HIS A 59 -8.11 47.85 4.59
CA HIS A 59 -7.46 49.08 5.06
C HIS A 59 -6.10 48.71 5.66
N LEU A 60 -5.07 48.72 4.80
CA LEU A 60 -3.76 48.21 5.20
C LEU A 60 -3.15 49.05 6.32
N GLY A 61 -3.20 50.37 6.20
CA GLY A 61 -2.62 51.22 7.22
C GLY A 61 -3.19 50.94 8.59
N ILE A 62 -4.52 50.79 8.68
CA ILE A 62 -5.17 50.56 9.97
C ILE A 62 -4.82 49.18 10.52
N VAL A 63 -4.75 48.16 9.65
CA VAL A 63 -4.28 46.85 10.08
C VAL A 63 -2.94 46.98 10.79
N GLU A 64 -2.01 47.72 10.19
CA GLU A 64 -0.68 47.83 10.76
C GLU A 64 -0.69 48.61 12.07
N VAL A 65 -1.53 49.65 12.16
CA VAL A 65 -1.64 50.42 13.40
C VAL A 65 -2.25 49.57 14.50
N LEU A 66 -3.29 48.79 14.18
CA LEU A 66 -3.92 47.95 15.19
C LEU A 66 -2.94 46.91 15.72
N LEU A 67 -2.17 46.29 14.83
CA LEU A 67 -1.18 45.31 15.26
C LEU A 67 -0.09 45.94 16.11
N LYS A 68 0.35 47.14 15.74
CA LYS A 68 1.37 47.84 16.50
C LYS A 68 0.89 48.14 17.92
N ASN A 69 -0.41 48.32 18.11
CA ASN A 69 -0.98 48.70 19.40
C ASN A 69 -1.55 47.50 20.15
N GLY A 70 -1.20 46.27 19.77
CA GLY A 70 -1.53 45.10 20.56
C GLY A 70 -2.67 44.24 20.06
N ALA A 71 -3.19 44.48 18.86
CA ALA A 71 -4.29 43.69 18.35
C ALA A 71 -3.92 42.21 18.32
N ASP A 72 -4.88 41.37 18.69
CA ASP A 72 -4.72 39.92 18.63
C ASP A 72 -4.84 39.48 17.17
N VAL A 73 -3.71 39.09 16.58
CA VAL A 73 -3.67 38.74 15.16
C VAL A 73 -4.51 37.51 14.85
N ASN A 74 -4.79 36.68 15.86
CA ASN A 74 -5.53 35.43 15.67
C ASN A 74 -6.89 35.45 16.36
N ALA A 75 -7.46 36.63 16.58
CA ALA A 75 -8.78 36.73 17.21
C ALA A 75 -9.82 35.96 16.41
N ASN A 76 -10.66 35.21 17.12
CA ASN A 76 -11.75 34.44 16.54
C ASN A 76 -13.06 35.18 16.73
N ASP A 77 -13.85 35.30 15.64
CA ASP A 77 -15.25 35.68 15.83
C ASP A 77 -16.02 34.46 16.36
N GLU A 78 -17.33 34.60 16.53
CA GLU A 78 -18.11 33.55 17.17
C GLU A 78 -18.27 32.29 16.31
N ARG A 79 -17.79 32.29 15.08
CA ARG A 79 -17.82 31.09 14.25
C ARG A 79 -16.42 30.64 13.85
N GLY A 80 -15.40 31.19 14.50
CA GLY A 80 -14.03 30.75 14.27
C GLY A 80 -13.26 31.47 13.17
N HIS A 81 -13.81 32.52 12.55
CA HIS A 81 -13.05 33.22 11.52
C HIS A 81 -12.03 34.17 12.15
N THR A 82 -10.83 34.14 11.63
CA THR A 82 -9.75 35.03 12.03
C THR A 82 -9.58 36.14 10.99
N PRO A 83 -8.83 37.18 11.31
CA PRO A 83 -8.56 38.20 10.29
C PRO A 83 -7.91 37.64 9.03
N LEU A 84 -7.06 36.63 9.16
CA LEU A 84 -6.45 36.03 7.99
C LEU A 84 -7.49 35.37 7.09
N HIS A 85 -8.50 34.71 7.68
CA HIS A 85 -9.61 34.20 6.88
C HIS A 85 -10.21 35.30 6.02
N LEU A 86 -10.42 36.48 6.61
CA LEU A 86 -11.18 37.53 5.94
C LEU A 86 -10.38 38.18 4.83
N ALA A 87 -9.07 38.38 5.06
CA ALA A 87 -8.20 38.92 4.02
C ALA A 87 -8.02 37.92 2.90
N ALA A 88 -7.98 36.62 3.21
CA ALA A 88 -7.84 35.61 2.16
C ALA A 88 -9.11 35.54 1.31
N TYR A 89 -10.27 35.70 1.92
CA TYR A 89 -11.53 35.67 1.18
C TYR A 89 -11.65 36.88 0.26
N THR A 90 -11.36 38.07 0.77
CA THR A 90 -11.56 39.28 -0.03
C THR A 90 -10.38 39.57 -0.96
N GLY A 91 -9.27 38.84 -0.85
CA GLY A 91 -8.18 38.98 -1.80
C GLY A 91 -7.23 40.12 -1.51
N HIS A 92 -7.05 40.49 -0.25
CA HIS A 92 -6.19 41.62 0.11
C HIS A 92 -4.79 41.07 0.41
N LEU A 93 -3.93 41.12 -0.59
CA LEU A 93 -2.64 40.43 -0.54
C LEU A 93 -1.72 41.02 0.53
N GLU A 94 -1.51 42.33 0.50
CA GLU A 94 -0.57 42.93 1.45
C GLU A 94 -1.02 42.71 2.87
N ILE A 95 -2.33 42.73 3.12
CA ILE A 95 -2.84 42.47 4.46
C ILE A 95 -2.58 41.02 4.86
N VAL A 96 -2.77 40.07 3.92
CA VAL A 96 -2.40 38.68 4.21
C VAL A 96 -0.94 38.60 4.63
N GLU A 97 -0.06 39.32 3.91
CA GLU A 97 1.37 39.23 4.18
C GLU A 97 1.72 39.84 5.54
N VAL A 98 1.06 40.94 5.92
CA VAL A 98 1.31 41.56 7.22
C VAL A 98 0.78 40.70 8.34
N LEU A 99 -0.43 40.14 8.17
CA LEU A 99 -0.97 39.25 9.19
C LEU A 99 -0.03 38.07 9.44
N LEU A 100 0.43 37.43 8.37
CA LEU A 100 1.33 36.29 8.54
C LEU A 100 2.64 36.71 9.21
N LYS A 101 3.14 37.90 8.87
CA LYS A 101 4.38 38.37 9.46
C LYS A 101 4.23 38.65 10.95
N ASN A 102 3.02 39.03 11.38
CA ASN A 102 2.74 39.31 12.78
C ASN A 102 2.22 38.08 13.52
N GLY A 103 2.34 36.90 12.94
CA GLY A 103 2.04 35.65 13.64
C GLY A 103 0.70 35.01 13.33
N ALA A 104 0.02 35.40 12.27
CA ALA A 104 -1.28 34.81 11.96
C ALA A 104 -1.16 33.30 11.75
N GLY A 105 -2.18 32.57 12.20
CA GLY A 105 -2.23 31.13 12.02
C GLY A 105 -2.64 30.75 10.63
N VAL A 106 -1.69 30.24 9.83
CA VAL A 106 -1.92 29.99 8.41
C VAL A 106 -2.92 28.87 8.17
N ASN A 107 -3.10 27.97 9.14
CA ASN A 107 -3.95 26.81 8.99
C ASN A 107 -5.19 26.86 9.88
N ALA A 108 -5.50 28.02 10.46
CA ALA A 108 -6.65 28.11 11.35
C ALA A 108 -7.91 27.70 10.60
N THR A 109 -8.83 27.02 11.29
CA THR A 109 -10.07 26.58 10.68
C THR A 109 -11.25 27.19 11.44
N ASP A 110 -12.30 27.54 10.69
CA ASP A 110 -13.56 27.94 11.30
C ASP A 110 -14.38 26.71 11.65
N VAL A 111 -15.60 26.91 12.15
CA VAL A 111 -16.40 25.79 12.65
C VAL A 111 -16.84 24.87 11.53
N ILE A 112 -16.63 25.25 10.27
CA ILE A 112 -16.94 24.39 9.13
C ILE A 112 -15.70 23.64 8.62
N GLY A 113 -14.55 23.89 9.22
CA GLY A 113 -13.31 23.32 8.73
C GLY A 113 -12.62 24.14 7.65
N THR A 114 -13.12 25.34 7.35
CA THR A 114 -12.58 26.17 6.29
C THR A 114 -11.33 26.88 6.77
N ALA A 115 -10.22 26.70 6.08
CA ALA A 115 -8.97 27.38 6.36
C ALA A 115 -8.75 28.49 5.34
N PRO A 116 -7.79 29.39 5.60
CA PRO A 116 -7.53 30.47 4.63
C PRO A 116 -7.24 29.96 3.22
N LEU A 117 -6.56 28.81 3.10
CA LEU A 117 -6.25 28.30 1.77
C LEU A 117 -7.50 27.87 1.02
N HIS A 118 -8.49 27.30 1.71
CA HIS A 118 -9.77 27.02 1.05
C HIS A 118 -10.33 28.28 0.40
N LEU A 119 -10.28 29.40 1.11
CA LEU A 119 -10.94 30.62 0.63
C LEU A 119 -10.19 31.23 -0.53
N ALA A 120 -8.86 31.26 -0.47
CA ALA A 120 -8.09 31.83 -1.57
C ALA A 120 -8.21 30.96 -2.81
N ALA A 121 -8.26 29.64 -2.64
CA ALA A 121 -8.39 28.77 -3.80
C ALA A 121 -9.78 28.85 -4.41
N MET A 122 -10.80 28.93 -3.58
CA MET A 122 -12.17 29.01 -4.10
CA MET A 122 -12.18 29.03 -4.06
C MET A 122 -12.40 30.33 -4.83
N TRP A 123 -11.91 31.44 -4.30
CA TRP A 123 -12.19 32.75 -4.87
C TRP A 123 -11.12 33.23 -5.83
N GLY A 124 -10.14 32.39 -6.16
CA GLY A 124 -9.23 32.64 -7.26
C GLY A 124 -8.19 33.70 -7.02
N HIS A 125 -7.64 33.77 -5.81
CA HIS A 125 -6.58 34.72 -5.44
C HIS A 125 -5.24 33.98 -5.49
N LEU A 126 -4.62 33.96 -6.67
CA LEU A 126 -3.46 33.10 -6.89
C LEU A 126 -2.28 33.52 -6.02
N GLU A 127 -1.99 34.81 -5.97
CA GLU A 127 -0.81 35.21 -5.22
C GLU A 127 -0.99 34.94 -3.73
N ILE A 128 -2.21 35.08 -3.20
CA ILE A 128 -2.48 34.71 -1.82
C ILE A 128 -2.29 33.21 -1.62
N VAL A 129 -2.78 32.38 -2.56
CA VAL A 129 -2.52 30.95 -2.46
C VAL A 129 -1.04 30.70 -2.33
N GLU A 130 -0.25 31.34 -3.21
CA GLU A 130 1.20 31.11 -3.23
C GLU A 130 1.85 31.57 -1.93
N VAL A 131 1.37 32.69 -1.36
CA VAL A 131 1.92 33.17 -0.08
C VAL A 131 1.53 32.24 1.06
N LEU A 132 0.27 31.78 1.09
CA LEU A 132 -0.14 30.84 2.12
C LEU A 132 0.69 29.55 2.05
N LEU A 133 0.92 29.03 0.84
CA LEU A 133 1.73 27.82 0.68
C LEU A 133 3.14 28.03 1.19
N LYS A 134 3.76 29.18 0.85
CA LYS A 134 5.10 29.48 1.32
C LYS A 134 5.16 29.61 2.83
N ASN A 135 4.03 29.93 3.49
CA ASN A 135 3.99 30.10 4.93
C ASN A 135 3.48 28.86 5.65
N GLY A 136 3.39 27.72 4.97
CA GLY A 136 3.09 26.44 5.61
C GLY A 136 1.66 25.95 5.48
N ALA A 137 0.85 26.54 4.62
CA ALA A 137 -0.54 26.10 4.49
C ALA A 137 -0.61 24.62 4.11
N ASP A 138 -1.61 23.94 4.68
CA ASP A 138 -1.82 22.50 4.53
C ASP A 138 -2.76 22.23 3.35
N VAL A 139 -2.22 21.67 2.26
CA VAL A 139 -3.06 21.39 1.10
C VAL A 139 -3.98 20.18 1.30
N ARG A 140 -3.75 19.39 2.35
CA ARG A 140 -4.61 18.25 2.61
C ARG A 140 -5.77 18.56 3.53
N ALA A 141 -5.89 19.79 4.03
CA ALA A 141 -6.97 20.11 4.96
C ALA A 141 -8.32 19.97 4.27
N GLN A 142 -9.23 19.25 4.92
CA GLN A 142 -10.58 19.03 4.43
C GLN A 142 -11.57 19.76 5.32
N ASP A 143 -12.51 20.48 4.70
CA ASP A 143 -13.62 21.08 5.41
C ASP A 143 -14.67 20.01 5.72
N LYS A 144 -15.77 20.41 6.37
CA LYS A 144 -16.73 19.43 6.87
C LYS A 144 -17.41 18.64 5.75
N PHE A 145 -17.37 19.16 4.52
CA PHE A 145 -17.91 18.42 3.39
C PHE A 145 -16.85 17.53 2.76
N GLY A 146 -15.64 17.50 3.32
CA GLY A 146 -14.56 16.71 2.77
C GLY A 146 -13.79 17.36 1.64
N LYS A 147 -13.93 18.67 1.45
CA LYS A 147 -13.28 19.34 0.34
C LYS A 147 -11.89 19.83 0.75
N THR A 148 -10.89 19.52 -0.06
CA THR A 148 -9.61 20.19 0.06
C THR A 148 -9.68 21.51 -0.68
N PRO A 149 -8.66 22.36 -0.50
CA PRO A 149 -8.59 23.56 -1.35
C PRO A 149 -8.51 23.23 -2.83
N LYS A 150 -7.81 22.16 -3.19
CA LYS A 150 -7.79 21.76 -4.59
C LYS A 150 -9.17 21.41 -5.09
N ASP A 151 -9.95 20.69 -4.26
CA ASP A 151 -11.31 20.33 -4.65
C ASP A 151 -12.13 21.58 -4.96
N LEU A 152 -12.01 22.60 -4.13
CA LEU A 152 -12.80 23.82 -4.33
C LEU A 152 -12.33 24.59 -5.56
N ALA A 153 -11.02 24.63 -5.81
CA ALA A 153 -10.50 25.25 -7.02
C ALA A 153 -11.06 24.52 -8.25
N ARG A 154 -11.06 23.19 -8.20
CA ARG A 154 -11.60 22.42 -9.31
C ARG A 154 -13.09 22.69 -9.48
N ASP A 155 -13.86 22.57 -8.41
CA ASP A 155 -15.31 22.75 -8.51
C ASP A 155 -15.67 24.13 -9.05
N ASN A 156 -14.87 25.14 -8.71
CA ASN A 156 -15.16 26.51 -9.13
C ASN A 156 -14.41 26.94 -10.39
N GLY A 157 -13.78 26.01 -11.11
CA GLY A 157 -13.19 26.34 -12.40
C GLY A 157 -11.91 27.15 -12.36
N ASN A 158 -11.21 27.15 -11.23
CA ASN A 158 -9.92 27.83 -11.10
C ASN A 158 -8.81 26.83 -11.41
N GLU A 159 -8.57 26.62 -12.72
CA GLU A 159 -7.71 25.52 -13.15
C GLU A 159 -6.24 25.79 -12.83
N TRP A 160 -5.80 27.04 -12.94
CA TRP A 160 -4.39 27.32 -12.67
C TRP A 160 -4.05 27.04 -11.22
N ILE A 161 -4.89 27.50 -10.29
CA ILE A 161 -4.73 27.18 -8.86
C ILE A 161 -4.85 25.68 -8.62
N ARG A 162 -5.84 25.04 -9.27
CA ARG A 162 -5.97 23.59 -9.11
C ARG A 162 -4.67 22.86 -9.48
N GLU A 163 -4.07 23.23 -10.62
CA GLU A 163 -2.85 22.58 -11.08
C GLU A 163 -1.71 22.83 -10.10
N LEU A 164 -1.60 24.07 -9.61
CA LEU A 164 -0.58 24.38 -8.62
C LEU A 164 -0.74 23.51 -7.38
N LEU A 165 -1.98 23.35 -6.88
CA LEU A 165 -2.19 22.53 -5.69
C LEU A 165 -2.00 21.04 -5.99
N GLU A 166 -2.30 20.61 -7.22
CA GLU A 166 -2.01 19.22 -7.59
C GLU A 166 -0.52 18.91 -7.52
N LYS A 167 0.31 19.82 -8.05
CA LYS A 167 1.76 19.60 -7.95
C LYS A 167 2.20 19.52 -6.50
N ALA A 168 1.63 20.37 -5.64
CA ALA A 168 2.03 20.36 -4.25
C ALA A 168 1.64 19.05 -3.58
N GLU A 169 0.47 18.51 -3.92
CA GLU A 169 0.04 17.23 -3.35
C GLU A 169 0.88 16.08 -3.88
N ARG A 170 1.34 16.15 -5.13
CA ARG A 170 2.19 15.08 -5.65
C ARG A 170 3.54 15.07 -4.96
N LYS A 171 4.06 16.25 -4.55
CA LYS A 171 5.28 16.27 -3.75
C LYS A 171 5.07 15.62 -2.37
N LEU A 172 3.91 15.82 -1.75
CA LEU A 172 3.66 15.17 -0.46
C LEU A 172 3.50 13.67 -0.62
N LYS A 173 2.83 13.22 -1.69
CA LYS A 173 2.72 11.79 -1.92
C LYS A 173 4.09 11.15 -2.06
N ASP A 174 5.02 11.84 -2.72
CA ASP A 174 6.38 11.31 -2.85
CA ASP A 174 6.38 11.31 -2.85
C ASP A 174 7.05 11.21 -1.49
N LEU A 175 6.86 12.22 -0.64
CA LEU A 175 7.40 12.14 0.72
C LEU A 175 6.78 10.99 1.49
N ASP A 176 5.47 10.76 1.33
CA ASP A 176 4.82 9.65 2.01
C ASP A 176 5.44 8.32 1.59
N ARG A 177 5.69 8.14 0.28
CA ARG A 177 6.29 6.90 -0.18
C ARG A 177 7.68 6.71 0.41
N LYS A 178 8.47 7.79 0.47
CA LYS A 178 9.80 7.68 1.05
C LYS A 178 9.73 7.37 2.54
N LEU A 179 8.68 7.82 3.22
CA LEU A 179 8.56 7.54 4.65
C LEU A 179 8.30 6.06 4.91
N LEU A 180 7.44 5.45 4.10
CA LEU A 180 7.26 4.00 4.17
C LEU A 180 8.59 3.28 3.98
N GLU A 181 9.36 3.65 2.96
CA GLU A 181 10.62 2.98 2.67
C GLU A 181 11.64 3.20 3.78
N ALA A 182 11.75 4.44 4.28
CA ALA A 182 12.71 4.71 5.35
C ALA A 182 12.34 3.98 6.63
N ALA A 183 11.05 3.89 6.94
CA ALA A 183 10.63 3.18 8.15
C ALA A 183 10.92 1.69 8.02
N ARG A 184 10.71 1.12 6.83
CA ARG A 184 11.00 -0.29 6.63
C ARG A 184 12.48 -0.56 6.75
N ALA A 185 13.30 0.33 6.19
CA ALA A 185 14.74 0.14 6.10
C ALA A 185 15.48 0.52 7.37
N GLY A 186 14.82 1.17 8.32
CA GLY A 186 15.46 1.55 9.56
C GLY A 186 16.28 2.82 9.49
N HIS A 187 15.99 3.73 8.56
CA HIS A 187 16.75 4.97 8.42
C HIS A 187 16.08 6.04 9.29
N ARG A 188 16.53 6.12 10.54
CA ARG A 188 15.83 6.96 11.51
C ARG A 188 15.93 8.44 11.16
N ASP A 189 17.15 8.91 10.86
CA ASP A 189 17.29 10.32 10.49
C ASP A 189 16.44 10.66 9.29
N GLU A 190 16.36 9.77 8.30
CA GLU A 190 15.51 10.04 7.14
C GLU A 190 14.05 10.13 7.57
N VAL A 191 13.61 9.24 8.46
CA VAL A 191 12.23 9.28 8.96
C VAL A 191 11.95 10.64 9.59
N GLU A 192 12.85 11.10 10.46
CA GLU A 192 12.63 12.38 11.14
C GLU A 192 12.63 13.54 10.16
N ASP A 193 13.57 13.55 9.21
CA ASP A 193 13.59 14.61 8.21
C ASP A 193 12.30 14.62 7.39
N LEU A 194 11.81 13.45 6.99
CA LEU A 194 10.61 13.38 6.18
C LEU A 194 9.39 13.87 6.94
N ILE A 195 9.28 13.53 8.22
CA ILE A 195 8.16 14.01 9.03
C ILE A 195 8.22 15.53 9.15
N LYS A 196 9.42 16.08 9.32
CA LYS A 196 9.57 17.53 9.44
C LYS A 196 9.15 18.24 8.15
N ASN A 197 9.38 17.64 6.99
CA ASN A 197 9.00 18.25 5.72
C ASN A 197 7.59 17.84 5.28
N GLY A 198 6.78 17.29 6.17
CA GLY A 198 5.36 17.13 5.92
C GLY A 198 4.87 15.75 5.52
N ALA A 199 5.70 14.72 5.61
CA ALA A 199 5.23 13.37 5.33
C ALA A 199 4.15 12.97 6.34
N ASP A 200 3.16 12.22 5.87
CA ASP A 200 2.01 11.83 6.69
C ASP A 200 2.33 10.50 7.37
N VAL A 201 2.54 10.52 8.68
CA VAL A 201 2.89 9.30 9.42
C VAL A 201 1.83 8.22 9.33
N ASN A 202 0.61 8.56 8.90
CA ASN A 202 -0.48 7.61 8.79
C ASN A 202 -0.76 7.21 7.36
N THR A 203 0.19 7.43 6.45
CA THR A 203 0.07 6.95 5.09
C THR A 203 0.12 5.42 5.11
N ALA A 204 -0.39 4.81 4.04
CA ALA A 204 -0.38 3.36 3.96
C ALA A 204 -0.16 2.94 2.51
N ASP A 205 0.49 1.78 2.35
CA ASP A 205 0.77 1.25 1.03
C ASP A 205 -0.45 0.52 0.50
N GLU A 206 -0.29 -0.16 -0.64
CA GLU A 206 -1.44 -0.79 -1.31
C GLU A 206 -2.11 -1.83 -0.42
N THR A 207 -1.33 -2.56 0.37
CA THR A 207 -1.90 -3.60 1.24
C THR A 207 -2.32 -3.06 2.61
N GLY A 208 -2.13 -1.78 2.88
CA GLY A 208 -2.58 -1.19 4.13
C GLY A 208 -1.52 -1.07 5.21
N PHE A 209 -0.27 -1.42 4.91
CA PHE A 209 0.80 -1.26 5.89
C PHE A 209 1.13 0.22 6.02
N THR A 210 1.18 0.71 7.25
CA THR A 210 1.64 2.04 7.57
C THR A 210 3.10 2.01 7.96
N PRO A 211 3.74 3.17 8.03
CA PRO A 211 5.12 3.21 8.55
C PRO A 211 5.28 2.47 9.87
N LEU A 212 4.29 2.56 10.76
CA LEU A 212 4.36 1.87 12.05
C LEU A 212 4.30 0.35 11.90
N HIS A 213 3.45 -0.15 11.00
CA HIS A 213 3.48 -1.58 10.67
C HIS A 213 4.88 -2.00 10.24
N LEU A 214 5.47 -1.25 9.30
CA LEU A 214 6.73 -1.68 8.70
C LEU A 214 7.87 -1.63 9.70
N ALA A 215 7.87 -0.62 10.57
CA ALA A 215 8.92 -0.52 11.58
C ALA A 215 8.77 -1.61 12.64
N ALA A 216 7.53 -1.91 13.05
CA ALA A 216 7.31 -2.97 14.03
C ALA A 216 7.71 -4.32 13.47
N TRP A 217 7.37 -4.58 12.20
CA TRP A 217 7.71 -5.85 11.56
C TRP A 217 9.24 -6.03 11.49
N GLU A 218 9.96 -4.98 11.12
CA GLU A 218 11.41 -5.03 10.95
C GLU A 218 12.17 -4.79 12.25
N GLY A 219 11.48 -4.56 13.36
CA GLY A 219 12.15 -4.41 14.64
C GLY A 219 12.86 -3.09 14.86
N HIS A 220 12.42 -2.02 14.22
CA HIS A 220 13.08 -0.72 14.34
C HIS A 220 12.43 0.06 15.47
N LEU A 221 12.97 -0.14 16.69
CA LEU A 221 12.36 0.40 17.90
C LEU A 221 12.37 1.93 17.90
N GLY A 222 13.52 2.53 17.66
CA GLY A 222 13.60 3.99 17.64
C GLY A 222 12.60 4.61 16.68
N ILE A 223 12.41 3.99 15.52
CA ILE A 223 11.47 4.54 14.55
C ILE A 223 10.02 4.35 15.01
N VAL A 224 9.73 3.19 15.62
CA VAL A 224 8.42 3.00 16.25
C VAL A 224 8.11 4.15 17.20
N GLU A 225 9.06 4.47 18.07
CA GLU A 225 8.85 5.53 19.05
C GLU A 225 8.65 6.90 18.39
N VAL A 226 9.44 7.19 17.34
CA VAL A 226 9.30 8.48 16.66
C VAL A 226 7.95 8.60 15.99
N LEU A 227 7.48 7.52 15.35
CA LEU A 227 6.20 7.56 14.67
C LEU A 227 5.06 7.80 15.67
N LEU A 228 5.08 7.10 16.81
CA LEU A 228 4.03 7.27 17.79
C LEU A 228 4.04 8.67 18.39
N LYS A 229 5.24 9.23 18.60
CA LYS A 229 5.35 10.58 19.12
C LYS A 229 4.79 11.63 18.16
N ASN A 230 4.81 11.34 16.86
CA ASN A 230 4.28 12.24 15.85
C ASN A 230 2.86 11.85 15.41
N GLY A 231 2.14 11.09 16.23
CA GLY A 231 0.72 10.88 16.03
C GLY A 231 0.31 9.66 15.22
N ALA A 232 1.22 8.72 14.99
CA ALA A 232 0.84 7.52 14.23
C ALA A 232 -0.22 6.72 14.98
N ASP A 233 -1.17 6.18 14.22
CA ASP A 233 -2.27 5.41 14.80
C ASP A 233 -1.76 4.04 15.24
N VAL A 234 -1.75 3.82 16.57
CA VAL A 234 -1.16 2.61 17.13
C VAL A 234 -1.94 1.37 16.72
N ASN A 235 -3.22 1.51 16.41
CA ASN A 235 -4.10 0.39 16.07
C ASN A 235 -4.53 0.37 14.61
N ALA A 236 -3.73 0.95 13.72
CA ALA A 236 -4.04 0.92 12.30
C ALA A 236 -4.15 -0.52 11.80
N ASN A 237 -5.17 -0.78 11.00
CA ASN A 237 -5.40 -2.09 10.39
C ASN A 237 -4.93 -2.08 8.94
N ASP A 238 -4.19 -3.11 8.55
CA ASP A 238 -3.97 -3.33 7.12
C ASP A 238 -5.23 -3.95 6.53
N GLU A 239 -5.16 -4.30 5.24
CA GLU A 239 -6.35 -4.76 4.53
C GLU A 239 -6.89 -6.09 5.04
N ARG A 240 -6.15 -6.82 5.88
CA ARG A 240 -6.65 -8.09 6.44
C ARG A 240 -6.76 -8.02 7.96
N GLY A 241 -6.76 -6.82 8.54
CA GLY A 241 -7.01 -6.67 9.94
C GLY A 241 -5.79 -6.75 10.85
N HIS A 242 -4.59 -6.86 10.30
CA HIS A 242 -3.39 -6.92 11.13
C HIS A 242 -3.01 -5.52 11.62
N THR A 243 -2.70 -5.43 12.90
CA THR A 243 -2.21 -4.22 13.54
C THR A 243 -0.71 -4.31 13.78
N PRO A 244 -0.08 -3.19 14.09
CA PRO A 244 1.35 -3.24 14.45
C PRO A 244 1.65 -4.22 15.57
N LEU A 245 0.76 -4.35 16.56
CA LEU A 245 1.01 -5.27 17.67
C LEU A 245 1.00 -6.72 17.19
N HIS A 246 0.10 -7.06 16.28
CA HIS A 246 0.17 -8.36 15.61
C HIS A 246 1.58 -8.63 15.10
N LEU A 247 2.13 -7.67 14.34
CA LEU A 247 3.38 -7.92 13.66
C LEU A 247 4.55 -7.97 14.64
N ALA A 248 4.51 -7.17 15.71
CA ALA A 248 5.56 -7.24 16.71
C ALA A 248 5.49 -8.54 17.50
N ALA A 249 4.28 -9.06 17.75
CA ALA A 249 4.14 -10.33 18.47
C ALA A 249 4.61 -11.49 17.62
N TYR A 250 4.37 -11.41 16.31
CA TYR A 250 4.77 -12.48 15.38
C TYR A 250 6.29 -12.57 15.27
N THR A 251 6.95 -11.43 15.08
CA THR A 251 8.38 -11.40 14.87
C THR A 251 9.19 -11.45 16.17
N GLY A 252 8.53 -11.33 17.32
CA GLY A 252 9.23 -11.50 18.58
C GLY A 252 9.97 -10.27 19.07
N HIS A 253 9.50 -9.07 18.71
CA HIS A 253 10.20 -7.84 19.12
C HIS A 253 9.57 -7.35 20.41
N LEU A 254 10.21 -7.75 21.53
CA LEU A 254 9.62 -7.57 22.85
C LEU A 254 9.48 -6.10 23.22
N GLU A 255 10.55 -5.31 23.06
CA GLU A 255 10.48 -3.90 23.43
C GLU A 255 9.44 -3.16 22.61
N ILE A 256 9.30 -3.50 21.33
CA ILE A 256 8.29 -2.87 20.50
C ILE A 256 6.89 -3.24 21.00
N VAL A 257 6.68 -4.50 21.38
CA VAL A 257 5.39 -4.89 21.98
C VAL A 257 5.08 -3.98 23.17
N GLU A 258 6.08 -3.77 24.02
N GLU A 258 6.07 -3.81 24.05
CA GLU A 258 5.86 -2.99 25.24
CA GLU A 258 5.83 -2.99 25.25
C GLU A 258 5.56 -1.53 24.92
C GLU A 258 5.48 -1.56 24.85
N VAL A 259 6.22 -0.96 23.92
CA VAL A 259 5.96 0.42 23.53
C VAL A 259 4.56 0.56 22.94
N LEU A 260 4.14 -0.41 22.13
CA LEU A 260 2.83 -0.34 21.52
C LEU A 260 1.72 -0.39 22.56
N LEU A 261 1.82 -1.32 23.51
CA LEU A 261 0.85 -1.43 24.60
C LEU A 261 0.81 -0.15 25.42
N LYS A 262 1.99 0.36 25.78
CA LYS A 262 2.07 1.63 26.50
C LYS A 262 1.38 2.78 25.75
N ASN A 263 1.33 2.70 24.42
CA ASN A 263 0.72 3.76 23.61
C ASN A 263 -0.71 3.45 23.21
N GLY A 264 -1.34 2.43 23.81
CA GLY A 264 -2.74 2.15 23.62
C GLY A 264 -3.08 1.03 22.67
N ALA A 265 -2.09 0.26 22.21
CA ALA A 265 -2.37 -0.85 21.31
C ALA A 265 -3.44 -1.78 21.88
N GLY A 266 -4.32 -2.25 21.02
CA GLY A 266 -5.39 -3.14 21.44
C GLY A 266 -4.88 -4.57 21.58
N VAL A 267 -4.84 -5.07 22.81
CA VAL A 267 -4.18 -6.35 23.10
C VAL A 267 -4.94 -7.54 22.56
N ASN A 268 -6.25 -7.40 22.33
CA ASN A 268 -7.10 -8.49 21.87
C ASN A 268 -7.60 -8.30 20.43
N ALA A 269 -6.98 -7.39 19.68
CA ALA A 269 -7.37 -7.17 18.30
C ALA A 269 -7.20 -8.45 17.47
N THR A 270 -8.16 -8.71 16.58
CA THR A 270 -8.14 -9.92 15.76
C THR A 270 -8.15 -9.53 14.28
N ASP A 271 -7.41 -10.29 13.48
CA ASP A 271 -7.43 -10.14 12.03
C ASP A 271 -8.64 -10.89 11.47
N VAL A 272 -8.74 -10.98 10.14
CA VAL A 272 -9.92 -11.59 9.52
C VAL A 272 -9.98 -13.09 9.72
N ILE A 273 -8.89 -13.70 10.20
CA ILE A 273 -8.88 -15.12 10.55
C ILE A 273 -9.15 -15.35 12.03
N GLY A 274 -9.43 -14.30 12.80
CA GLY A 274 -9.63 -14.43 14.23
C GLY A 274 -8.35 -14.54 15.01
N THR A 275 -7.21 -14.32 14.37
CA THR A 275 -5.92 -14.42 15.04
C THR A 275 -5.65 -13.15 15.83
N ALA A 276 -5.27 -13.31 17.10
CA ALA A 276 -4.89 -12.22 17.97
C ALA A 276 -3.40 -12.25 18.28
N PRO A 277 -2.85 -11.17 18.81
CA PRO A 277 -1.41 -11.17 19.13
C PRO A 277 -0.98 -12.36 19.98
N LEU A 278 -1.81 -12.77 20.95
CA LEU A 278 -1.46 -13.89 21.82
C LEU A 278 -1.33 -15.19 21.03
N HIS A 279 -2.19 -15.40 20.03
CA HIS A 279 -2.04 -16.56 19.16
C HIS A 279 -0.66 -16.58 18.52
N LEU A 280 -0.22 -15.42 18.00
CA LEU A 280 1.03 -15.35 17.26
C LEU A 280 2.23 -15.55 18.18
N ALA A 281 2.21 -14.91 19.34
CA ALA A 281 3.32 -15.09 20.28
C ALA A 281 3.39 -16.53 20.77
N ALA A 282 2.24 -17.19 20.98
CA ALA A 282 2.24 -18.56 21.50
C ALA A 282 2.68 -19.54 20.43
N MET A 283 2.22 -19.30 19.19
CA MET A 283 2.57 -20.17 18.07
CA MET A 283 2.57 -20.18 18.08
C MET A 283 4.06 -20.13 17.78
N TRP A 284 4.63 -18.93 17.72
CA TRP A 284 6.00 -18.73 17.28
C TRP A 284 7.01 -18.71 18.42
N GLY A 285 6.59 -19.06 19.64
CA GLY A 285 7.55 -19.37 20.69
C GLY A 285 8.10 -18.20 21.47
N HIS A 286 7.37 -17.09 21.56
CA HIS A 286 7.88 -15.86 22.17
C HIS A 286 7.31 -15.76 23.58
N LEU A 287 8.03 -16.36 24.53
CA LEU A 287 7.52 -16.56 25.88
C LEU A 287 7.32 -15.24 26.62
N GLU A 288 8.36 -14.38 26.63
CA GLU A 288 8.24 -13.10 27.30
C GLU A 288 7.09 -12.27 26.73
N ILE A 289 6.88 -12.31 25.42
CA ILE A 289 5.79 -11.56 24.82
C ILE A 289 4.45 -12.12 25.28
N VAL A 290 4.32 -13.45 25.32
CA VAL A 290 3.11 -14.06 25.87
C VAL A 290 2.83 -13.51 27.26
N GLU A 291 3.85 -13.45 28.10
CA GLU A 291 3.65 -13.03 29.48
C GLU A 291 3.23 -11.57 29.55
N VAL A 292 3.86 -10.71 28.75
CA VAL A 292 3.50 -9.28 28.72
C VAL A 292 2.06 -9.11 28.22
N LEU A 293 1.67 -9.86 27.20
CA LEU A 293 0.32 -9.72 26.68
C LEU A 293 -0.71 -10.16 27.71
N LEU A 294 -0.45 -11.28 28.41
CA LEU A 294 -1.34 -11.70 29.48
C LEU A 294 -1.46 -10.63 30.56
N LYS A 295 -0.34 -10.01 30.92
CA LYS A 295 -0.35 -8.97 31.94
C LYS A 295 -1.21 -7.78 31.54
N HIS A 296 -1.34 -7.53 30.23
CA HIS A 296 -2.14 -6.42 29.72
C HIS A 296 -3.54 -6.85 29.28
N GLY A 297 -3.99 -8.03 29.70
CA GLY A 297 -5.37 -8.43 29.51
C GLY A 297 -5.68 -9.31 28.31
N ALA A 298 -4.67 -9.90 27.68
CA ALA A 298 -4.93 -10.77 26.54
C ALA A 298 -5.87 -11.91 26.96
N ASP A 299 -6.71 -12.30 26.01
CA ASP A 299 -7.82 -13.24 26.25
C ASP A 299 -7.37 -14.65 25.87
N VAL A 300 -7.18 -15.50 26.88
CA VAL A 300 -6.71 -16.87 26.64
C VAL A 300 -7.74 -17.72 25.91
N ASN A 301 -9.01 -17.32 25.93
CA ASN A 301 -10.07 -18.13 25.37
C ASN A 301 -10.42 -17.75 23.94
N ALA A 302 -9.79 -16.71 23.39
CA ALA A 302 -10.05 -16.32 22.01
C ALA A 302 -9.72 -17.46 21.06
N GLN A 303 -10.66 -17.76 20.16
CA GLN A 303 -10.49 -18.82 19.17
C GLN A 303 -10.39 -18.20 17.79
N ASP A 304 -9.42 -18.66 17.00
CA ASP A 304 -9.34 -18.27 15.60
C ASP A 304 -10.40 -19.06 14.82
N LYS A 305 -10.45 -18.83 13.51
CA LYS A 305 -11.49 -19.46 12.68
C LYS A 305 -11.39 -20.97 12.64
N PHE A 306 -10.25 -21.52 13.03
CA PHE A 306 -10.10 -22.97 13.12
C PHE A 306 -10.50 -23.51 14.49
N GLY A 307 -10.95 -22.63 15.40
CA GLY A 307 -11.30 -23.02 16.74
C GLY A 307 -10.14 -23.13 17.70
N LYS A 308 -8.98 -22.60 17.36
CA LYS A 308 -7.78 -22.77 18.16
C LYS A 308 -7.59 -21.58 19.08
N THR A 309 -7.34 -21.87 20.36
CA THR A 309 -6.87 -20.88 21.32
C THR A 309 -5.37 -20.78 21.26
N PRO A 310 -4.80 -19.76 21.88
CA PRO A 310 -3.34 -19.68 21.94
C PRO A 310 -2.72 -20.89 22.59
N PHE A 311 -3.35 -21.40 23.65
CA PHE A 311 -2.90 -22.65 24.27
C PHE A 311 -2.90 -23.80 23.26
N ASP A 312 -3.99 -23.94 22.51
CA ASP A 312 -4.04 -24.96 21.46
C ASP A 312 -2.84 -24.87 20.52
N LEU A 313 -2.52 -23.67 20.03
CA LEU A 313 -1.38 -23.49 19.15
C LEU A 313 -0.06 -23.85 19.85
N ALA A 314 0.09 -23.44 21.11
CA ALA A 314 1.31 -23.79 21.82
C ALA A 314 1.46 -25.30 21.96
N ILE A 315 0.36 -25.99 22.26
CA ILE A 315 0.37 -27.45 22.35
C ILE A 315 0.67 -28.07 21.00
N ASP A 316 -0.09 -27.66 19.97
CA ASP A 316 0.11 -28.20 18.63
C ASP A 316 1.55 -27.99 18.13
N ASN A 317 2.21 -26.91 18.55
CA ASN A 317 3.53 -26.62 18.04
C ASN A 317 4.64 -26.95 19.02
N GLY A 318 4.33 -27.66 20.11
CA GLY A 318 5.38 -28.12 21.01
C GLY A 318 6.03 -27.05 21.86
N ASN A 319 5.33 -25.96 22.15
CA ASN A 319 5.88 -24.88 22.98
C ASN A 319 5.43 -25.10 24.42
N GLU A 320 6.18 -25.95 25.14
CA GLU A 320 5.74 -26.47 26.44
C GLU A 320 5.72 -25.39 27.51
N ASP A 321 6.80 -24.59 27.60
CA ASP A 321 6.83 -23.51 28.59
C ASP A 321 5.66 -22.54 28.40
N ILE A 322 5.40 -22.17 27.15
CA ILE A 322 4.26 -21.30 26.86
C ILE A 322 2.95 -21.99 27.20
N ALA A 323 2.83 -23.28 26.87
CA ALA A 323 1.59 -23.99 27.19
C ALA A 323 1.34 -23.94 28.69
N GLU A 324 2.39 -24.13 29.50
CA GLU A 324 2.23 -24.07 30.95
C GLU A 324 1.83 -22.67 31.42
N VAL A 325 2.46 -21.62 30.86
CA VAL A 325 2.08 -20.26 31.23
C VAL A 325 0.60 -20.02 30.92
N LEU A 326 0.13 -20.51 29.78
CA LEU A 326 -1.26 -20.27 29.39
C LEU A 326 -2.23 -21.08 30.23
N GLN A 327 -1.85 -22.30 30.64
CA GLN A 327 -2.70 -23.05 31.58
C GLN A 327 -2.77 -22.35 32.93
N LYS A 328 -1.63 -21.87 33.43
CA LYS A 328 -1.69 -21.08 34.66
C LYS A 328 -2.71 -19.94 34.55
N ALA A 329 -2.87 -19.36 33.37
CA ALA A 329 -3.78 -18.24 33.17
C ALA A 329 -5.18 -18.68 32.72
N ALA A 330 -5.45 -19.99 32.67
CA ALA A 330 -6.71 -20.51 32.16
C ALA A 330 -7.87 -20.07 33.03
N ASP B 13 -34.01 -29.20 7.29
CA ASP B 13 -33.36 -29.49 8.56
C ASP B 13 -32.25 -30.52 8.38
N LEU B 14 -32.37 -31.33 7.33
CA LEU B 14 -31.37 -32.35 7.06
C LEU B 14 -29.98 -31.76 6.90
N GLY B 15 -29.88 -30.52 6.42
CA GLY B 15 -28.58 -29.92 6.20
C GLY B 15 -27.76 -29.79 7.47
N LYS B 16 -28.40 -29.37 8.56
CA LYS B 16 -27.68 -29.22 9.82
C LYS B 16 -27.29 -30.58 10.39
N LYS B 17 -28.17 -31.57 10.25
CA LYS B 17 -27.86 -32.93 10.69
C LYS B 17 -26.69 -33.51 9.91
N LEU B 18 -26.67 -33.29 8.60
CA LEU B 18 -25.57 -33.80 7.78
C LEU B 18 -24.24 -33.16 8.20
N LEU B 19 -24.25 -31.86 8.47
CA LEU B 19 -23.04 -31.21 8.95
C LEU B 19 -22.54 -31.85 10.24
N GLU B 20 -23.44 -32.08 11.19
CA GLU B 20 -23.05 -32.66 12.47
C GLU B 20 -22.58 -34.10 12.31
N ALA B 21 -23.30 -34.89 11.51
CA ALA B 21 -22.90 -36.28 11.30
C ALA B 21 -21.51 -36.37 10.66
N ALA B 22 -21.23 -35.48 9.69
CA ALA B 22 -19.93 -35.48 9.03
C ALA B 22 -18.83 -35.07 10.00
N ARG B 23 -19.10 -34.10 10.87
CA ARG B 23 -18.10 -33.67 11.83
C ARG B 23 -17.83 -34.76 12.87
N ALA B 24 -18.88 -35.42 13.36
CA ALA B 24 -18.76 -36.40 14.43
C ALA B 24 -18.27 -37.77 13.96
N GLY B 25 -18.14 -37.99 12.65
CA GLY B 25 -17.68 -39.28 12.16
C GLY B 25 -18.74 -40.36 12.18
N GLN B 26 -20.01 -40.00 12.04
CA GLN B 26 -21.11 -40.97 12.04
C GLN B 26 -21.35 -41.44 10.60
N ASP B 27 -20.52 -42.39 10.18
CA ASP B 27 -20.57 -42.88 8.80
C ASP B 27 -21.99 -43.30 8.40
N ASP B 28 -22.61 -44.15 9.21
CA ASP B 28 -23.93 -44.65 8.84
C ASP B 28 -24.96 -43.53 8.75
N GLU B 29 -24.89 -42.55 9.66
CA GLU B 29 -25.88 -41.48 9.64
C GLU B 29 -25.68 -40.57 8.44
N VAL B 30 -24.43 -40.33 8.04
CA VAL B 30 -24.16 -39.57 6.81
C VAL B 30 -24.86 -40.22 5.62
N ARG B 31 -24.70 -41.54 5.48
CA ARG B 31 -25.30 -42.23 4.34
C ARG B 31 -26.82 -42.17 4.40
N ILE B 32 -27.41 -42.33 5.58
CA ILE B 32 -28.85 -42.27 5.71
C ILE B 32 -29.37 -40.91 5.28
N LEU B 33 -28.74 -39.85 5.79
CA LEU B 33 -29.17 -38.49 5.50
C LEU B 33 -29.08 -38.20 4.00
N LEU B 34 -27.96 -38.55 3.37
CA LEU B 34 -27.81 -38.32 1.93
C LEU B 34 -28.85 -39.11 1.14
N ALA B 35 -29.16 -40.32 1.57
CA ALA B 35 -30.17 -41.12 0.88
C ALA B 35 -31.55 -40.52 1.00
N ASN B 36 -31.81 -39.70 2.03
CA ASN B 36 -33.10 -39.07 2.22
C ASN B 36 -33.09 -37.61 1.73
N GLY B 37 -32.14 -37.23 0.89
CA GLY B 37 -32.20 -35.98 0.17
C GLY B 37 -31.42 -34.82 0.77
N ALA B 38 -30.61 -35.05 1.79
CA ALA B 38 -29.82 -33.96 2.36
C ALA B 38 -28.91 -33.37 1.29
N ASP B 39 -28.72 -32.05 1.35
CA ASP B 39 -27.91 -31.33 0.37
C ASP B 39 -26.44 -31.57 0.69
N VAL B 40 -25.75 -32.32 -0.17
CA VAL B 40 -24.35 -32.66 0.08
C VAL B 40 -23.48 -31.41 0.20
N ASN B 41 -23.92 -30.28 -0.36
CA ASN B 41 -23.14 -29.05 -0.37
C ASN B 41 -23.72 -28.00 0.57
N THR B 42 -24.59 -28.41 1.50
CA THR B 42 -25.05 -27.49 2.53
C THR B 42 -23.86 -26.85 3.23
N ALA B 43 -24.07 -25.66 3.77
CA ALA B 43 -22.97 -24.92 4.36
C ALA B 43 -23.43 -24.24 5.64
N ASP B 44 -22.59 -24.28 6.68
CA ASP B 44 -22.92 -23.59 7.91
C ASP B 44 -22.69 -22.08 7.72
N GLU B 45 -22.87 -21.32 8.81
CA GLU B 45 -22.86 -19.87 8.68
C GLU B 45 -21.49 -19.30 8.33
N THR B 46 -20.40 -20.01 8.62
CA THR B 46 -19.07 -19.60 8.19
C THR B 46 -18.65 -20.19 6.85
N GLY B 47 -19.51 -20.98 6.20
CA GLY B 47 -19.21 -21.53 4.90
C GLY B 47 -18.62 -22.92 4.90
N PHE B 48 -18.51 -23.58 6.05
CA PHE B 48 -18.04 -24.96 6.08
C PHE B 48 -19.11 -25.87 5.49
N THR B 49 -18.72 -26.76 4.59
CA THR B 49 -19.56 -27.83 4.09
C THR B 49 -19.26 -29.12 4.83
N PRO B 50 -20.11 -30.14 4.68
CA PRO B 50 -19.76 -31.44 5.28
C PRO B 50 -18.39 -31.95 4.87
N LEU B 51 -17.98 -31.71 3.62
CA LEU B 51 -16.66 -32.13 3.16
C LEU B 51 -15.56 -31.38 3.89
N HIS B 52 -15.75 -30.08 4.16
CA HIS B 52 -14.80 -29.38 5.03
C HIS B 52 -14.65 -30.10 6.36
N LEU B 53 -15.77 -30.36 7.03
CA LEU B 53 -15.72 -30.86 8.39
C LEU B 53 -15.11 -32.26 8.42
N ALA B 54 -15.49 -33.12 7.48
CA ALA B 54 -14.94 -34.47 7.46
C ALA B 54 -13.44 -34.44 7.18
N ALA B 55 -13.00 -33.53 6.30
CA ALA B 55 -11.58 -33.42 5.99
C ALA B 55 -10.78 -32.94 7.21
N TRP B 56 -11.34 -31.97 7.94
CA TRP B 56 -10.68 -31.44 9.13
C TRP B 56 -10.58 -32.47 10.23
N GLU B 57 -11.67 -33.21 10.48
CA GLU B 57 -11.69 -34.22 11.53
C GLU B 57 -11.03 -35.53 11.12
N GLY B 58 -10.71 -35.72 9.85
CA GLY B 58 -9.98 -36.90 9.42
C GLY B 58 -10.82 -38.12 9.15
N HIS B 59 -12.08 -37.94 8.75
CA HIS B 59 -13.01 -39.04 8.52
C HIS B 59 -12.97 -39.42 7.04
N LEU B 60 -12.08 -40.35 6.70
CA LEU B 60 -11.83 -40.65 5.28
C LEU B 60 -13.03 -41.31 4.63
N GLY B 61 -13.65 -42.28 5.30
CA GLY B 61 -14.83 -42.91 4.74
C GLY B 61 -15.92 -41.92 4.38
N ILE B 62 -16.11 -40.90 5.22
CA ILE B 62 -17.15 -39.91 4.97
C ILE B 62 -16.74 -38.98 3.83
N VAL B 63 -15.46 -38.58 3.77
CA VAL B 63 -14.96 -37.82 2.61
C VAL B 63 -15.35 -38.52 1.31
N GLU B 64 -15.14 -39.83 1.27
CA GLU B 64 -15.36 -40.57 0.02
C GLU B 64 -16.84 -40.64 -0.33
N VAL B 65 -17.69 -40.85 0.67
CA VAL B 65 -19.14 -40.90 0.43
C VAL B 65 -19.62 -39.54 -0.08
N LEU B 66 -19.17 -38.46 0.57
CA LEU B 66 -19.57 -37.13 0.15
C LEU B 66 -19.17 -36.85 -1.29
N LEU B 67 -17.92 -37.16 -1.65
CA LEU B 67 -17.47 -36.92 -3.02
C LEU B 67 -18.30 -37.73 -4.01
N LYS B 68 -18.66 -38.96 -3.64
CA LYS B 68 -19.47 -39.77 -4.54
C LYS B 68 -20.88 -39.23 -4.69
N ASN B 69 -21.35 -38.44 -3.72
CA ASN B 69 -22.65 -37.79 -3.82
C ASN B 69 -22.57 -36.41 -4.46
N GLY B 70 -21.40 -36.01 -4.97
CA GLY B 70 -21.27 -34.76 -5.68
C GLY B 70 -20.82 -33.57 -4.85
N ALA B 71 -20.17 -33.80 -3.72
CA ALA B 71 -19.67 -32.69 -2.93
C ALA B 71 -18.68 -31.86 -3.74
N ASP B 72 -18.76 -30.53 -3.59
CA ASP B 72 -17.83 -29.64 -4.28
C ASP B 72 -16.46 -29.76 -3.63
N VAL B 73 -15.51 -30.37 -4.36
CA VAL B 73 -14.19 -30.63 -3.79
C VAL B 73 -13.45 -29.34 -3.48
N ASN B 74 -13.81 -28.23 -4.12
CA ASN B 74 -13.12 -26.96 -3.97
C ASN B 74 -13.97 -25.91 -3.28
N ALA B 75 -14.95 -26.32 -2.48
CA ALA B 75 -15.79 -25.34 -1.81
C ALA B 75 -14.95 -24.44 -0.92
N ASN B 76 -15.23 -23.13 -0.97
CA ASN B 76 -14.57 -22.14 -0.13
C ASN B 76 -15.47 -21.78 1.05
N ASP B 77 -14.88 -21.70 2.24
CA ASP B 77 -15.59 -21.05 3.33
C ASP B 77 -15.43 -19.53 3.18
N GLU B 78 -15.95 -18.78 4.14
CA GLU B 78 -15.99 -17.32 4.00
C GLU B 78 -14.62 -16.68 4.06
N ARG B 79 -13.55 -17.44 4.32
CA ARG B 79 -12.20 -16.88 4.31
C ARG B 79 -11.31 -17.57 3.28
N GLY B 80 -11.88 -18.31 2.34
CA GLY B 80 -11.14 -18.91 1.26
C GLY B 80 -10.56 -20.29 1.52
N HIS B 81 -10.84 -20.91 2.67
CA HIS B 81 -10.27 -22.21 2.94
C HIS B 81 -11.07 -23.30 2.23
N THR B 82 -10.36 -24.20 1.58
CA THR B 82 -10.92 -25.35 0.91
C THR B 82 -10.74 -26.60 1.77
N PRO B 83 -11.40 -27.70 1.43
CA PRO B 83 -11.14 -28.95 2.17
C PRO B 83 -9.67 -29.35 2.13
N LEU B 84 -9.00 -29.12 1.00
CA LEU B 84 -7.60 -29.49 0.88
C LEU B 84 -6.74 -28.69 1.86
N HIS B 85 -7.07 -27.41 2.08
CA HIS B 85 -6.39 -26.65 3.13
C HIS B 85 -6.48 -27.37 4.48
N LEU B 86 -7.71 -27.77 4.86
CA LEU B 86 -7.93 -28.30 6.19
C LEU B 86 -7.24 -29.65 6.38
N ALA B 87 -7.27 -30.50 5.36
CA ALA B 87 -6.59 -31.79 5.47
C ALA B 87 -5.08 -31.60 5.52
N ALA B 88 -4.55 -30.61 4.80
CA ALA B 88 -3.12 -30.35 4.82
C ALA B 88 -2.68 -29.83 6.17
N TYR B 89 -3.51 -28.99 6.78
CA TYR B 89 -3.21 -28.44 8.11
C TYR B 89 -3.15 -29.56 9.14
N THR B 90 -4.15 -30.45 9.15
CA THR B 90 -4.28 -31.47 10.19
C THR B 90 -3.50 -32.75 9.87
N GLY B 91 -2.92 -32.85 8.68
CA GLY B 91 -1.99 -33.93 8.39
C GLY B 91 -2.65 -35.23 7.99
N HIS B 92 -3.82 -35.17 7.35
CA HIS B 92 -4.58 -36.36 6.97
C HIS B 92 -4.21 -36.71 5.53
N LEU B 93 -3.24 -37.61 5.39
CA LEU B 93 -2.57 -37.85 4.12
C LEU B 93 -3.52 -38.48 3.11
N GLU B 94 -4.22 -39.54 3.49
CA GLU B 94 -5.08 -40.21 2.54
C GLU B 94 -6.25 -39.33 2.11
N ILE B 95 -6.74 -38.46 3.01
CA ILE B 95 -7.75 -37.50 2.59
C ILE B 95 -7.16 -36.51 1.59
N VAL B 96 -5.93 -36.03 1.84
CA VAL B 96 -5.26 -35.17 0.87
C VAL B 96 -5.21 -35.84 -0.50
N GLU B 97 -4.80 -37.11 -0.52
CA GLU B 97 -4.67 -37.83 -1.79
C GLU B 97 -6.02 -38.01 -2.47
N VAL B 98 -7.05 -38.36 -1.71
CA VAL B 98 -8.38 -38.54 -2.28
C VAL B 98 -8.92 -37.21 -2.83
N LEU B 99 -8.69 -36.12 -2.11
CA LEU B 99 -9.14 -34.81 -2.58
C LEU B 99 -8.45 -34.43 -3.89
N LEU B 100 -7.13 -34.57 -3.95
CA LEU B 100 -6.40 -34.22 -5.17
C LEU B 100 -6.88 -35.08 -6.33
N LYS B 101 -7.14 -36.36 -6.07
CA LYS B 101 -7.60 -37.26 -7.12
C LYS B 101 -8.96 -36.85 -7.67
N ASN B 102 -9.78 -36.19 -6.84
CA ASN B 102 -11.11 -35.75 -7.25
C ASN B 102 -11.12 -34.29 -7.70
N GLY B 103 -9.96 -33.72 -8.00
CA GLY B 103 -9.87 -32.42 -8.61
C GLY B 103 -9.61 -31.23 -7.68
N ALA B 104 -9.16 -31.47 -6.45
CA ALA B 104 -8.86 -30.36 -5.56
C ALA B 104 -7.77 -29.47 -6.13
N GLY B 105 -7.90 -28.17 -5.90
CA GLY B 105 -6.94 -27.20 -6.38
C GLY B 105 -5.73 -27.16 -5.48
N VAL B 106 -4.58 -27.60 -6.02
CA VAL B 106 -3.38 -27.76 -5.22
C VAL B 106 -2.82 -26.42 -4.76
N ASN B 107 -3.11 -25.34 -5.48
CA ASN B 107 -2.51 -24.04 -5.20
C ASN B 107 -3.52 -23.00 -4.73
N ALA B 108 -4.70 -23.45 -4.28
CA ALA B 108 -5.71 -22.49 -3.82
C ALA B 108 -5.18 -21.72 -2.63
N THR B 109 -5.50 -20.44 -2.56
CA THR B 109 -5.06 -19.61 -1.44
C THR B 109 -6.25 -19.00 -0.72
N ASP B 110 -6.11 -18.85 0.59
CA ASP B 110 -7.11 -18.19 1.41
C ASP B 110 -6.88 -16.68 1.34
N VAL B 111 -7.64 -15.92 2.11
CA VAL B 111 -7.57 -14.45 2.00
C VAL B 111 -6.24 -13.91 2.50
N ILE B 112 -5.47 -14.71 3.24
CA ILE B 112 -4.12 -14.32 3.65
C ILE B 112 -3.06 -14.81 2.68
N GLY B 113 -3.45 -15.50 1.61
CA GLY B 113 -2.49 -15.98 0.64
C GLY B 113 -1.91 -17.33 1.01
N THR B 114 -2.46 -17.99 2.00
CA THR B 114 -1.96 -19.27 2.46
C THR B 114 -2.49 -20.38 1.56
N ALA B 115 -1.58 -21.22 1.09
CA ALA B 115 -1.91 -22.37 0.26
C ALA B 115 -1.72 -23.65 1.06
N PRO B 116 -2.20 -24.77 0.54
CA PRO B 116 -1.95 -26.05 1.24
C PRO B 116 -0.49 -26.32 1.54
N LEU B 117 0.41 -26.01 0.60
CA LEU B 117 1.83 -26.29 0.83
C LEU B 117 2.36 -25.46 2.00
N HIS B 118 1.88 -24.23 2.19
CA HIS B 118 2.26 -23.46 3.38
C HIS B 118 1.93 -24.24 4.65
N LEU B 119 0.71 -24.78 4.73
CA LEU B 119 0.25 -25.39 5.97
C LEU B 119 0.97 -26.70 6.24
N ALA B 120 1.21 -27.50 5.20
CA ALA B 120 1.92 -28.76 5.41
C ALA B 120 3.38 -28.53 5.77
N ALA B 121 4.01 -27.49 5.22
CA ALA B 121 5.40 -27.22 5.57
C ALA B 121 5.50 -26.65 6.97
N MET B 122 4.59 -25.75 7.33
CA MET B 122 4.56 -25.17 8.67
CA MET B 122 4.58 -25.17 8.67
C MET B 122 4.38 -26.25 9.74
N TRP B 123 3.43 -27.15 9.53
CA TRP B 123 3.06 -28.11 10.56
C TRP B 123 3.78 -29.44 10.41
N GLY B 124 4.78 -29.53 9.53
CA GLY B 124 5.71 -30.65 9.57
C GLY B 124 5.18 -31.95 9.01
N HIS B 125 4.32 -31.90 8.01
CA HIS B 125 3.73 -33.11 7.42
C HIS B 125 4.50 -33.47 6.14
N LEU B 126 5.58 -34.24 6.28
CA LEU B 126 6.48 -34.44 5.16
C LEU B 126 5.80 -35.15 4.00
N GLU B 127 5.09 -36.25 4.25
CA GLU B 127 4.55 -36.98 3.12
C GLU B 127 3.52 -36.13 2.36
N ILE B 128 2.77 -35.29 3.07
CA ILE B 128 1.81 -34.42 2.41
C ILE B 128 2.54 -33.36 1.59
N VAL B 129 3.64 -32.81 2.11
CA VAL B 129 4.46 -31.92 1.30
C VAL B 129 4.86 -32.61 0.00
N GLU B 130 5.33 -33.85 0.09
CA GLU B 130 5.77 -34.58 -1.09
C GLU B 130 4.62 -34.83 -2.06
N VAL B 131 3.43 -35.14 -1.55
CA VAL B 131 2.28 -35.36 -2.42
C VAL B 131 1.83 -34.06 -3.08
N LEU B 132 1.86 -32.96 -2.34
CA LEU B 132 1.48 -31.68 -2.91
C LEU B 132 2.44 -31.30 -4.04
N LEU B 133 3.76 -31.43 -3.80
CA LEU B 133 4.74 -31.12 -4.82
C LEU B 133 4.52 -31.96 -6.07
N LYS B 134 4.29 -33.27 -5.89
CA LYS B 134 4.04 -34.15 -7.03
C LYS B 134 2.81 -33.72 -7.81
N ASN B 135 1.84 -33.12 -7.15
CA ASN B 135 0.61 -32.67 -7.81
C ASN B 135 0.70 -31.22 -8.29
N GLY B 136 1.88 -30.62 -8.29
CA GLY B 136 2.09 -29.32 -8.91
C GLY B 136 2.06 -28.13 -7.96
N ALA B 137 2.21 -28.34 -6.67
CA ALA B 137 2.21 -27.24 -5.72
C ALA B 137 3.34 -26.26 -6.06
N ASP B 138 3.05 -24.97 -5.86
CA ASP B 138 3.95 -23.87 -6.22
C ASP B 138 4.81 -23.50 -5.01
N VAL B 139 6.11 -23.80 -5.07
CA VAL B 139 7.00 -23.51 -3.94
C VAL B 139 7.35 -22.03 -3.83
N ARG B 140 7.05 -21.24 -4.84
CA ARG B 140 7.35 -19.81 -4.81
C ARG B 140 6.20 -18.96 -4.29
N ALA B 141 5.07 -19.58 -3.93
CA ALA B 141 3.90 -18.84 -3.49
C ALA B 141 4.18 -18.16 -2.15
N GLN B 142 3.88 -16.86 -2.07
CA GLN B 142 4.10 -16.08 -0.86
C GLN B 142 2.75 -15.71 -0.25
N ASP B 143 2.63 -15.86 1.06
CA ASP B 143 1.47 -15.36 1.77
C ASP B 143 1.58 -13.84 1.92
N LYS B 144 0.60 -13.21 2.57
CA LYS B 144 0.64 -11.75 2.65
C LYS B 144 1.72 -11.21 3.56
N PHE B 145 2.41 -12.08 4.31
CA PHE B 145 3.61 -11.66 5.04
C PHE B 145 4.88 -11.85 4.20
N GLY B 146 4.75 -12.33 2.96
CA GLY B 146 5.91 -12.62 2.13
C GLY B 146 6.55 -13.96 2.37
N LYS B 147 5.91 -14.85 3.13
CA LYS B 147 6.51 -16.13 3.49
C LYS B 147 6.20 -17.16 2.41
N THR B 148 7.22 -17.86 1.93
CA THR B 148 7.03 -19.07 1.14
C THR B 148 6.84 -20.25 2.08
N PRO B 149 6.42 -21.41 1.57
CA PRO B 149 6.42 -22.61 2.42
C PRO B 149 7.79 -22.89 3.01
N LYS B 150 8.85 -22.68 2.23
CA LYS B 150 10.20 -22.92 2.76
C LYS B 150 10.53 -21.97 3.90
N ASP B 151 10.10 -20.71 3.79
CA ASP B 151 10.28 -19.77 4.90
C ASP B 151 9.60 -20.29 6.17
N LEU B 152 8.35 -20.75 6.02
CA LEU B 152 7.61 -21.23 7.19
C LEU B 152 8.26 -22.47 7.78
N ALA B 153 8.74 -23.39 6.93
CA ALA B 153 9.45 -24.56 7.43
C ALA B 153 10.71 -24.14 8.18
N ARG B 154 11.49 -23.24 7.58
CA ARG B 154 12.67 -22.70 8.26
C ARG B 154 12.30 -22.04 9.58
N ASP B 155 11.29 -21.16 9.56
CA ASP B 155 10.92 -20.43 10.77
C ASP B 155 10.46 -21.38 11.88
N ASN B 156 9.85 -22.51 11.52
CA ASN B 156 9.31 -23.42 12.52
C ASN B 156 10.21 -24.63 12.77
N GLY B 157 11.43 -24.61 12.26
CA GLY B 157 12.40 -25.62 12.61
C GLY B 157 12.20 -26.96 11.94
N ASN B 158 11.43 -27.02 10.86
CA ASN B 158 11.24 -28.25 10.09
C ASN B 158 12.33 -28.35 9.02
N GLU B 159 13.51 -28.79 9.45
CA GLU B 159 14.69 -28.70 8.60
C GLU B 159 14.63 -29.65 7.41
N TRP B 160 14.13 -30.87 7.61
CA TRP B 160 14.03 -31.81 6.50
C TRP B 160 13.17 -31.23 5.39
N ILE B 161 12.01 -30.67 5.75
CA ILE B 161 11.12 -30.10 4.76
C ILE B 161 11.75 -28.88 4.11
N ARG B 162 12.41 -28.04 4.92
CA ARG B 162 13.10 -26.86 4.39
C ARG B 162 14.08 -27.24 3.30
N GLU B 163 14.90 -28.26 3.56
CA GLU B 163 15.91 -28.67 2.60
C GLU B 163 15.28 -29.26 1.35
N LEU B 164 14.17 -29.99 1.50
CA LEU B 164 13.49 -30.54 0.33
C LEU B 164 12.94 -29.42 -0.54
N LEU B 165 12.41 -28.37 0.10
CA LEU B 165 11.85 -27.25 -0.67
C LEU B 165 12.95 -26.40 -1.28
N GLU B 166 14.08 -26.26 -0.57
CA GLU B 166 15.23 -25.59 -1.13
C GLU B 166 15.73 -26.29 -2.39
N LYS B 167 15.81 -27.62 -2.35
CA LYS B 167 16.24 -28.36 -3.53
C LYS B 167 15.30 -28.09 -4.70
N ALA B 168 14.00 -28.00 -4.43
CA ALA B 168 13.04 -27.76 -5.49
C ALA B 168 13.16 -26.34 -6.03
N GLU B 169 13.47 -25.39 -5.17
CA GLU B 169 13.68 -24.01 -5.61
C GLU B 169 14.94 -23.92 -6.47
N ARG B 170 15.99 -24.66 -6.12
CA ARG B 170 17.21 -24.66 -6.94
C ARG B 170 16.92 -25.19 -8.34
N LYS B 171 16.06 -26.19 -8.47
CA LYS B 171 15.71 -26.65 -9.81
C LYS B 171 15.01 -25.56 -10.61
N LEU B 172 14.14 -24.79 -9.96
CA LEU B 172 13.44 -23.72 -10.68
C LEU B 172 14.39 -22.61 -11.07
N LYS B 173 15.35 -22.28 -10.20
CA LYS B 173 16.35 -21.27 -10.55
C LYS B 173 17.14 -21.73 -11.79
N ASP B 174 17.44 -23.02 -11.89
CA ASP B 174 18.16 -23.52 -13.07
CA ASP B 174 18.16 -23.50 -13.07
C ASP B 174 17.33 -23.33 -14.33
N LEU B 175 16.02 -23.54 -14.24
CA LEU B 175 15.15 -23.32 -15.40
C LEU B 175 15.07 -21.84 -15.75
N ASP B 176 14.99 -20.97 -14.75
CA ASP B 176 14.99 -19.54 -14.99
C ASP B 176 16.24 -19.11 -15.75
N ARG B 177 17.40 -19.61 -15.31
CA ARG B 177 18.67 -19.31 -15.95
C ARG B 177 18.65 -19.75 -17.41
N LYS B 178 18.16 -20.96 -17.67
CA LYS B 178 18.09 -21.45 -19.04
C LYS B 178 17.13 -20.62 -19.89
N LEU B 179 16.06 -20.11 -19.28
CA LEU B 179 15.09 -19.32 -20.03
C LEU B 179 15.68 -18.00 -20.49
N LEU B 180 16.45 -17.35 -19.62
CA LEU B 180 17.19 -16.16 -20.02
C LEU B 180 18.10 -16.46 -21.21
N GLU B 181 18.83 -17.59 -21.16
CA GLU B 181 19.77 -17.91 -22.22
C GLU B 181 19.06 -18.24 -23.52
N ALA B 182 17.91 -18.92 -23.43
CA ALA B 182 17.18 -19.31 -24.64
C ALA B 182 16.48 -18.12 -25.28
N ALA B 183 16.01 -17.16 -24.47
CA ALA B 183 15.45 -15.94 -25.04
C ALA B 183 16.52 -15.11 -25.73
N ARG B 184 17.72 -15.03 -25.15
CA ARG B 184 18.81 -14.29 -25.80
C ARG B 184 19.23 -14.96 -27.10
N ALA B 185 19.37 -16.28 -27.06
CA ALA B 185 19.85 -17.08 -28.19
C ALA B 185 18.80 -17.25 -29.29
N GLY B 186 17.53 -16.99 -29.00
CA GLY B 186 16.50 -17.12 -30.00
C GLY B 186 15.97 -18.53 -30.19
N HIS B 187 16.10 -19.39 -29.17
CA HIS B 187 15.64 -20.77 -29.26
C HIS B 187 14.19 -20.81 -28.77
N ARG B 188 13.25 -20.73 -29.73
CA ARG B 188 11.86 -20.49 -29.37
C ARG B 188 11.20 -21.74 -28.79
N ASP B 189 11.52 -22.92 -29.32
CA ASP B 189 10.97 -24.14 -28.76
C ASP B 189 11.45 -24.36 -27.33
N GLU B 190 12.74 -24.08 -27.08
CA GLU B 190 13.26 -24.23 -25.73
C GLU B 190 12.54 -23.28 -24.78
N VAL B 191 12.26 -22.05 -25.24
CA VAL B 191 11.58 -21.06 -24.41
C VAL B 191 10.21 -21.58 -23.99
N GLU B 192 9.42 -22.08 -24.95
CA GLU B 192 8.08 -22.56 -24.62
C GLU B 192 8.13 -23.77 -23.69
N ASP B 193 9.10 -24.66 -23.92
CA ASP B 193 9.24 -25.83 -23.06
C ASP B 193 9.60 -25.43 -21.64
N LEU B 194 10.58 -24.52 -21.49
CA LEU B 194 10.95 -24.07 -20.16
C LEU B 194 9.76 -23.44 -19.43
N ILE B 195 8.96 -22.65 -20.15
CA ILE B 195 7.80 -22.01 -19.53
C ILE B 195 6.80 -23.07 -19.07
N LYS B 196 6.58 -24.10 -19.90
CA LYS B 196 5.66 -25.16 -19.51
C LYS B 196 6.16 -25.94 -18.30
N ASN B 197 7.47 -26.02 -18.13
CA ASN B 197 8.05 -26.74 -17.01
C ASN B 197 8.27 -25.87 -15.77
N GLY B 198 7.77 -24.63 -15.76
CA GLY B 198 7.73 -23.84 -14.55
C GLY B 198 8.64 -22.63 -14.50
N ALA B 199 9.43 -22.38 -15.56
CA ALA B 199 10.34 -21.25 -15.53
C ALA B 199 9.57 -19.94 -15.41
N ASP B 200 10.16 -18.98 -14.69
CA ASP B 200 9.53 -17.70 -14.40
C ASP B 200 9.88 -16.68 -15.49
N VAL B 201 8.89 -16.31 -16.30
CA VAL B 201 9.12 -15.40 -17.42
C VAL B 201 9.57 -14.03 -16.94
N ASN B 202 9.37 -13.70 -15.67
CA ASN B 202 9.79 -12.42 -15.12
C ASN B 202 11.10 -12.50 -14.34
N THR B 203 11.81 -13.63 -14.42
CA THR B 203 13.13 -13.72 -13.84
C THR B 203 14.01 -12.62 -14.42
N ALA B 204 15.08 -12.29 -13.70
CA ALA B 204 16.02 -11.27 -14.16
C ALA B 204 17.44 -11.69 -13.81
N ASP B 205 18.39 -11.35 -14.69
CA ASP B 205 19.78 -11.66 -14.43
C ASP B 205 20.36 -10.62 -13.46
N GLU B 206 21.68 -10.64 -13.29
CA GLU B 206 22.33 -9.85 -12.24
C GLU B 206 22.28 -8.36 -12.53
N THR B 207 22.00 -7.94 -13.77
CA THR B 207 21.88 -6.54 -14.12
C THR B 207 20.42 -6.10 -14.30
N GLY B 208 19.45 -6.99 -14.11
CA GLY B 208 18.05 -6.64 -14.23
C GLY B 208 17.41 -6.99 -15.55
N PHE B 209 18.15 -7.56 -16.48
CA PHE B 209 17.60 -7.96 -17.77
C PHE B 209 16.69 -9.17 -17.58
N THR B 210 15.45 -9.06 -18.05
CA THR B 210 14.51 -10.16 -18.10
C THR B 210 14.61 -10.85 -19.44
N PRO B 211 13.98 -12.03 -19.58
CA PRO B 211 13.90 -12.65 -20.91
C PRO B 211 13.37 -11.69 -21.98
N LEU B 212 12.38 -10.86 -21.64
CA LEU B 212 11.81 -9.96 -22.63
C LEU B 212 12.80 -8.87 -23.04
N HIS B 213 13.60 -8.35 -22.09
CA HIS B 213 14.71 -7.46 -22.45
C HIS B 213 15.60 -8.10 -23.49
N LEU B 214 16.04 -9.34 -23.22
CA LEU B 214 17.05 -9.97 -24.05
C LEU B 214 16.51 -10.30 -25.44
N ALA B 215 15.27 -10.81 -25.51
CA ALA B 215 14.68 -11.11 -26.81
C ALA B 215 14.47 -9.82 -27.63
N ALA B 216 14.12 -8.72 -26.96
CA ALA B 216 13.92 -7.47 -27.68
C ALA B 216 15.26 -6.91 -28.19
N TRP B 217 16.28 -6.97 -27.34
CA TRP B 217 17.62 -6.55 -27.73
C TRP B 217 18.11 -7.35 -28.94
N GLU B 218 17.91 -8.67 -28.92
CA GLU B 218 18.41 -9.55 -29.95
C GLU B 218 17.48 -9.68 -31.15
N GLY B 219 16.34 -8.99 -31.15
CA GLY B 219 15.45 -8.99 -32.30
C GLY B 219 14.61 -10.25 -32.49
N HIS B 220 14.32 -10.99 -31.43
CA HIS B 220 13.61 -12.28 -31.56
C HIS B 220 12.12 -12.02 -31.36
N LEU B 221 11.42 -11.76 -32.47
CA LEU B 221 10.04 -11.31 -32.39
C LEU B 221 9.10 -12.39 -31.86
N GLY B 222 9.24 -13.62 -32.34
CA GLY B 222 8.35 -14.68 -31.87
C GLY B 222 8.47 -14.90 -30.37
N ILE B 223 9.70 -14.86 -29.86
CA ILE B 223 9.91 -15.06 -28.43
C ILE B 223 9.31 -13.90 -27.63
N VAL B 224 9.44 -12.67 -28.14
CA VAL B 224 8.81 -11.53 -27.49
C VAL B 224 7.32 -11.78 -27.30
N GLU B 225 6.66 -12.27 -28.36
CA GLU B 225 5.22 -12.49 -28.30
C GLU B 225 4.86 -13.61 -27.31
N VAL B 226 5.68 -14.66 -27.26
CA VAL B 226 5.41 -15.77 -26.35
C VAL B 226 5.57 -15.31 -24.91
N LEU B 227 6.63 -14.56 -24.62
CA LEU B 227 6.83 -14.06 -23.26
C LEU B 227 5.66 -13.19 -22.83
N LEU B 228 5.26 -12.25 -23.68
CA LEU B 228 4.12 -11.39 -23.35
C LEU B 228 2.84 -12.19 -23.18
N LYS B 229 2.59 -13.16 -24.07
CA LYS B 229 1.41 -14.00 -23.93
C LYS B 229 1.39 -14.73 -22.60
N ASN B 230 2.57 -15.04 -22.06
CA ASN B 230 2.69 -15.79 -20.82
C ASN B 230 2.93 -14.90 -19.61
N GLY B 231 2.62 -13.62 -19.71
CA GLY B 231 2.58 -12.76 -18.54
C GLY B 231 3.82 -11.93 -18.27
N ALA B 232 4.76 -11.85 -19.21
CA ALA B 232 5.97 -11.05 -18.99
C ALA B 232 5.59 -9.58 -18.80
N ASP B 233 6.29 -8.93 -17.87
CA ASP B 233 6.07 -7.51 -17.58
C ASP B 233 6.65 -6.65 -18.70
N VAL B 234 5.78 -6.02 -19.48
CA VAL B 234 6.24 -5.30 -20.66
C VAL B 234 7.08 -4.09 -20.29
N ASN B 235 6.95 -3.58 -19.07
CA ASN B 235 7.65 -2.38 -18.62
C ASN B 235 8.70 -2.67 -17.55
N ALA B 236 9.18 -3.91 -17.47
CA ALA B 236 10.21 -4.23 -16.47
C ALA B 236 11.44 -3.35 -16.67
N ASN B 237 11.96 -2.83 -15.56
CA ASN B 237 13.17 -2.01 -15.54
C ASN B 237 14.38 -2.86 -15.17
N ASP B 238 15.47 -2.71 -15.91
CA ASP B 238 16.75 -3.23 -15.44
C ASP B 238 17.29 -2.28 -14.36
N GLU B 239 18.52 -2.51 -13.90
CA GLU B 239 19.06 -1.80 -12.75
C GLU B 239 19.40 -0.34 -13.05
N ARG B 240 19.35 0.08 -14.31
CA ARG B 240 19.56 1.47 -14.67
C ARG B 240 18.33 2.06 -15.34
N GLY B 241 17.20 1.38 -15.24
CA GLY B 241 15.92 1.91 -15.68
C GLY B 241 15.57 1.67 -17.13
N HIS B 242 16.32 0.84 -17.84
CA HIS B 242 15.97 0.54 -19.23
C HIS B 242 14.85 -0.49 -19.30
N THR B 243 13.90 -0.25 -20.18
CA THR B 243 12.81 -1.16 -20.44
C THR B 243 13.02 -1.88 -21.75
N PRO B 244 12.25 -2.93 -22.02
CA PRO B 244 12.37 -3.59 -23.33
C PRO B 244 12.18 -2.63 -24.50
N LEU B 245 11.28 -1.64 -24.37
CA LEU B 245 11.06 -0.68 -25.44
C LEU B 245 12.31 0.15 -25.72
N HIS B 246 13.05 0.54 -24.68
CA HIS B 246 14.35 1.19 -24.89
C HIS B 246 15.23 0.35 -25.79
N LEU B 247 15.36 -0.94 -25.46
CA LEU B 247 16.31 -1.79 -26.19
C LEU B 247 15.85 -2.02 -27.62
N ALA B 248 14.55 -2.17 -27.83
CA ALA B 248 14.05 -2.36 -29.19
C ALA B 248 14.19 -1.09 -30.01
N ALA B 249 14.03 0.08 -29.38
CA ALA B 249 14.19 1.34 -30.09
C ALA B 249 15.65 1.59 -30.45
N TYR B 250 16.55 1.22 -29.54
CA TYR B 250 17.98 1.39 -29.76
C TYR B 250 18.45 0.52 -30.91
N THR B 251 18.06 -0.76 -30.91
CA THR B 251 18.53 -1.70 -31.89
C THR B 251 17.74 -1.66 -33.20
N GLY B 252 16.65 -0.90 -33.26
CA GLY B 252 15.96 -0.68 -34.52
C GLY B 252 15.01 -1.79 -34.93
N HIS B 253 14.46 -2.52 -33.96
CA HIS B 253 13.56 -3.64 -34.25
C HIS B 253 12.13 -3.13 -34.23
N LEU B 254 11.61 -2.84 -35.42
CA LEU B 254 10.37 -2.08 -35.57
C LEU B 254 9.15 -2.91 -35.21
N GLU B 255 9.08 -4.16 -35.66
CA GLU B 255 7.93 -4.99 -35.29
C GLU B 255 7.88 -5.20 -33.79
N ILE B 256 9.04 -5.40 -33.16
CA ILE B 256 9.07 -5.57 -31.71
C ILE B 256 8.59 -4.31 -31.00
N VAL B 257 9.04 -3.14 -31.46
CA VAL B 257 8.53 -1.88 -30.91
C VAL B 257 7.02 -1.87 -30.98
N GLU B 258 6.46 -2.24 -32.13
N GLU B 258 6.46 -2.28 -32.12
CA GLU B 258 5.01 -2.21 -32.29
CA GLU B 258 5.01 -2.21 -32.29
C GLU B 258 4.34 -3.18 -31.32
C GLU B 258 4.29 -3.22 -31.39
N VAL B 259 4.88 -4.40 -31.22
CA VAL B 259 4.29 -5.39 -30.31
C VAL B 259 4.34 -4.89 -28.87
N LEU B 260 5.47 -4.31 -28.46
CA LEU B 260 5.60 -3.85 -27.09
C LEU B 260 4.56 -2.78 -26.78
N LEU B 261 4.43 -1.79 -27.67
CA LEU B 261 3.44 -0.72 -27.47
C LEU B 261 2.04 -1.29 -27.43
N LYS B 262 1.74 -2.25 -28.30
CA LYS B 262 0.41 -2.86 -28.31
C LYS B 262 0.11 -3.55 -26.98
N ASN B 263 1.13 -4.04 -26.29
CA ASN B 263 0.95 -4.71 -25.00
C ASN B 263 1.18 -3.77 -23.81
N GLY B 264 1.14 -2.46 -24.04
CA GLY B 264 1.15 -1.49 -22.96
C GLY B 264 2.48 -0.87 -22.60
N ALA B 265 3.51 -1.05 -23.43
CA ALA B 265 4.82 -0.47 -23.11
C ALA B 265 4.69 1.04 -22.92
N GLY B 266 5.44 1.57 -21.96
CA GLY B 266 5.40 2.99 -21.68
C GLY B 266 6.26 3.75 -22.67
N VAL B 267 5.62 4.54 -23.54
CA VAL B 267 6.35 5.17 -24.64
C VAL B 267 7.34 6.21 -24.15
N ASN B 268 7.10 6.83 -22.99
CA ASN B 268 7.91 7.93 -22.49
C ASN B 268 8.75 7.55 -21.27
N ALA B 269 8.98 6.25 -21.05
CA ALA B 269 9.81 5.81 -19.93
C ALA B 269 11.24 6.34 -20.08
N THR B 270 11.86 6.73 -18.96
CA THR B 270 13.22 7.24 -18.98
C THR B 270 14.13 6.39 -18.08
N ASP B 271 15.35 6.16 -18.55
CA ASP B 271 16.37 5.53 -17.74
C ASP B 271 16.96 6.56 -16.77
N VAL B 272 17.96 6.15 -15.99
CA VAL B 272 18.51 7.02 -14.96
C VAL B 272 19.27 8.20 -15.53
N ILE B 273 19.53 8.22 -16.84
CA ILE B 273 20.14 9.35 -17.53
C ILE B 273 19.09 10.25 -18.21
N GLY B 274 17.81 9.98 -18.00
CA GLY B 274 16.78 10.75 -18.65
C GLY B 274 16.53 10.36 -20.09
N THR B 275 17.13 9.26 -20.53
CA THR B 275 16.99 8.81 -21.91
C THR B 275 15.69 8.03 -22.09
N ALA B 276 14.92 8.44 -23.08
CA ALA B 276 13.68 7.79 -23.45
C ALA B 276 13.83 7.06 -24.77
N PRO B 277 12.88 6.19 -25.12
CA PRO B 277 12.99 5.49 -26.41
C PRO B 277 13.12 6.41 -27.61
N LEU B 278 12.43 7.56 -27.60
CA LEU B 278 12.54 8.49 -28.72
C LEU B 278 13.96 9.02 -28.88
N HIS B 279 14.65 9.29 -27.77
CA HIS B 279 16.07 9.67 -27.85
C HIS B 279 16.87 8.62 -28.60
N LEU B 280 16.64 7.35 -28.27
CA LEU B 280 17.47 6.29 -28.83
C LEU B 280 17.18 6.11 -30.31
N ALA B 281 15.90 6.12 -30.70
CA ALA B 281 15.58 5.96 -32.12
C ALA B 281 16.09 7.13 -32.94
N ALA B 282 16.07 8.33 -32.37
CA ALA B 282 16.50 9.50 -33.12
C ALA B 282 18.02 9.53 -33.27
N MET B 283 18.72 9.15 -32.20
CA MET B 283 20.18 9.14 -32.23
CA MET B 283 20.18 9.12 -32.22
C MET B 283 20.70 8.11 -33.23
N TRP B 284 20.17 6.90 -33.18
CA TRP B 284 20.69 5.80 -33.97
C TRP B 284 20.00 5.65 -35.33
N GLY B 285 19.19 6.62 -35.72
CA GLY B 285 18.77 6.72 -37.11
C GLY B 285 17.63 5.82 -37.54
N HIS B 286 16.72 5.47 -36.63
CA HIS B 286 15.63 4.53 -36.94
C HIS B 286 14.37 5.35 -37.15
N LEU B 287 14.18 5.78 -38.40
CA LEU B 287 13.15 6.74 -38.76
C LEU B 287 11.75 6.18 -38.54
N GLU B 288 11.48 4.98 -39.07
CA GLU B 288 10.17 4.38 -38.89
C GLU B 288 9.81 4.27 -37.42
N ILE B 289 10.78 3.90 -36.57
CA ILE B 289 10.49 3.77 -35.14
C ILE B 289 10.20 5.13 -34.53
N VAL B 290 10.94 6.16 -34.94
CA VAL B 290 10.61 7.52 -34.50
C VAL B 290 9.15 7.82 -34.78
N GLU B 291 8.71 7.56 -36.01
CA GLU B 291 7.35 7.89 -36.40
C GLU B 291 6.32 7.12 -35.58
N VAL B 292 6.58 5.83 -35.30
CA VAL B 292 5.65 5.03 -34.51
C VAL B 292 5.60 5.56 -33.07
N LEU B 293 6.76 5.87 -32.50
CA LEU B 293 6.77 6.38 -31.13
C LEU B 293 6.00 7.69 -31.01
N LEU B 294 6.15 8.58 -32.01
CA LEU B 294 5.44 9.86 -31.98
C LEU B 294 3.93 9.64 -32.07
N LYS B 295 3.50 8.70 -32.91
CA LYS B 295 2.08 8.41 -33.05
C LYS B 295 1.47 7.89 -31.76
N HIS B 296 2.27 7.23 -30.92
CA HIS B 296 1.82 6.70 -29.64
C HIS B 296 2.10 7.64 -28.48
N GLY B 297 2.41 8.90 -28.75
CA GLY B 297 2.46 9.92 -27.71
C GLY B 297 3.84 10.24 -27.16
N ALA B 298 4.90 9.81 -27.81
CA ALA B 298 6.23 10.15 -27.33
C ALA B 298 6.39 11.66 -27.22
N ASP B 299 7.13 12.07 -26.19
CA ASP B 299 7.30 13.46 -25.82
C ASP B 299 8.53 14.04 -26.49
N VAL B 300 8.33 14.96 -27.45
CA VAL B 300 9.46 15.57 -28.16
C VAL B 300 10.27 16.52 -27.29
N ASN B 301 9.70 16.98 -26.18
CA ASN B 301 10.40 17.96 -25.35
C ASN B 301 11.19 17.31 -24.22
N ALA B 302 11.16 15.99 -24.10
CA ALA B 302 11.87 15.33 -23.01
C ALA B 302 13.37 15.56 -23.16
N GLN B 303 13.99 16.06 -22.10
CA GLN B 303 15.42 16.33 -22.08
C GLN B 303 16.12 15.28 -21.23
N ASP B 304 17.23 14.74 -21.74
CA ASP B 304 18.09 13.90 -20.93
C ASP B 304 18.94 14.78 -20.01
N LYS B 305 19.80 14.13 -19.21
CA LYS B 305 20.58 14.84 -18.19
C LYS B 305 21.57 15.83 -18.79
N PHE B 306 21.84 15.73 -20.09
CA PHE B 306 22.70 16.70 -20.77
C PHE B 306 21.91 17.82 -21.41
N GLY B 307 20.59 17.89 -21.19
CA GLY B 307 19.73 18.89 -21.78
C GLY B 307 19.30 18.62 -23.20
N LYS B 308 19.50 17.40 -23.70
CA LYS B 308 19.25 17.09 -25.10
C LYS B 308 17.85 16.49 -25.27
N THR B 309 17.09 17.04 -26.21
CA THR B 309 15.87 16.43 -26.67
C THR B 309 16.20 15.46 -27.78
N PRO B 310 15.25 14.64 -28.21
CA PRO B 310 15.53 13.78 -29.37
C PRO B 310 15.87 14.58 -30.62
N PHE B 311 15.20 15.71 -30.85
CA PHE B 311 15.57 16.57 -31.97
C PHE B 311 17.03 16.98 -31.88
N ASP B 312 17.47 17.40 -30.69
CA ASP B 312 18.87 17.82 -30.53
C ASP B 312 19.83 16.70 -30.92
N LEU B 313 19.53 15.46 -30.52
CA LEU B 313 20.42 14.35 -30.87
C LEU B 313 20.40 14.07 -32.37
N ALA B 314 19.23 14.14 -33.00
CA ALA B 314 19.17 14.00 -34.46
C ALA B 314 20.01 15.06 -35.17
N ILE B 315 19.95 16.30 -34.68
CA ILE B 315 20.77 17.37 -35.27
C ILE B 315 22.25 17.10 -35.04
N ASP B 316 22.62 16.82 -33.78
CA ASP B 316 24.02 16.58 -33.45
C ASP B 316 24.60 15.40 -34.21
N ASN B 317 23.80 14.39 -34.50
CA ASN B 317 24.30 13.19 -35.16
C ASN B 317 23.97 13.15 -36.66
N GLY B 318 23.49 14.27 -37.21
CA GLY B 318 23.32 14.37 -38.65
C GLY B 318 22.21 13.53 -39.24
N ASN B 319 21.16 13.25 -38.48
CA ASN B 319 20.03 12.43 -38.97
C ASN B 319 18.97 13.42 -39.47
N GLU B 320 19.11 13.81 -40.75
CA GLU B 320 18.35 14.92 -41.30
C GLU B 320 16.87 14.58 -41.47
N ASP B 321 16.56 13.42 -42.04
CA ASP B 321 15.15 13.03 -42.20
C ASP B 321 14.44 12.94 -40.86
N ILE B 322 15.11 12.42 -39.83
CA ILE B 322 14.51 12.32 -38.51
C ILE B 322 14.34 13.71 -37.89
N ALA B 323 15.33 14.57 -38.07
CA ALA B 323 15.21 15.93 -37.53
C ALA B 323 14.00 16.64 -38.14
N GLU B 324 13.74 16.41 -39.42
CA GLU B 324 12.59 17.05 -40.06
C GLU B 324 11.28 16.53 -39.48
N VAL B 325 11.18 15.21 -39.29
CA VAL B 325 10.01 14.60 -38.67
C VAL B 325 9.76 15.18 -37.27
N LEU B 326 10.84 15.33 -36.51
CA LEU B 326 10.70 15.82 -35.15
C LEU B 326 10.37 17.30 -35.12
N GLN B 327 10.89 18.08 -36.07
CA GLN B 327 10.47 19.49 -36.14
C GLN B 327 9.01 19.61 -36.53
N LYS B 328 8.52 18.70 -37.39
CA LYS B 328 7.10 18.71 -37.74
C LYS B 328 6.23 18.46 -36.51
N ALA B 329 6.71 17.68 -35.54
CA ALA B 329 5.98 17.39 -34.31
C ALA B 329 6.29 18.38 -33.19
N ALA B 330 7.13 19.39 -33.43
CA ALA B 330 7.55 20.32 -32.38
C ALA B 330 6.40 20.89 -31.56
S SO4 C . -4.57 51.70 2.77
O1 SO4 C . -3.12 51.54 2.61
O2 SO4 C . -4.86 52.02 4.16
O3 SO4 C . -5.04 52.74 1.88
O4 SO4 C . -5.22 50.42 2.41
S SO4 D . 13.82 -7.40 22.02
O1 SO4 D . 14.25 -7.84 23.35
O2 SO4 D . 14.98 -7.16 21.17
O3 SO4 D . 13.06 -6.15 22.15
O4 SO4 D . 13.00 -8.47 21.43
S SO4 E . -3.37 43.93 -2.84
O1 SO4 E . -3.94 45.16 -3.36
O2 SO4 E . -2.82 44.19 -1.50
O3 SO4 E . -2.31 43.47 -3.73
O4 SO4 E . -4.42 42.89 -2.80
S SO4 F . 20.17 6.11 10.98
O1 SO4 F . 21.29 6.05 11.93
O2 SO4 F . 19.68 7.48 10.86
O3 SO4 F . 20.62 5.65 9.66
O4 SO4 F . 19.11 5.24 11.48
S SO4 G . -8.02 29.51 -14.49
O1 SO4 G . -7.47 30.39 -15.52
O2 SO4 G . -7.99 30.20 -13.20
O3 SO4 G . -9.39 29.15 -14.83
O4 SO4 G . -7.21 28.31 -14.41
S SO4 H . 16.66 0.25 17.31
O1 SO4 H . 18.05 0.11 16.84
O2 SO4 H . 16.63 0.16 18.76
O3 SO4 H . 16.15 1.57 16.92
O4 SO4 H . 15.86 -0.82 16.72
S SO4 I . 11.77 -15.81 24.91
O1 SO4 I . 12.37 -16.53 26.04
O2 SO4 I . 12.82 -15.25 24.06
O3 SO4 I . 10.94 -14.72 25.43
O4 SO4 I . 10.94 -16.75 24.14
S SO4 J . 9.85 -25.55 25.15
O1 SO4 J . 10.48 -26.46 26.10
O2 SO4 J . 9.10 -24.53 25.87
O3 SO4 J . 10.87 -24.91 24.34
O4 SO4 J . 8.96 -26.33 24.28
C1 GOL K . 8.86 -15.82 13.58
O1 GOL K . 9.30 -15.62 14.90
C2 GOL K . 9.72 -15.00 12.64
O2 GOL K . 10.65 -15.85 12.01
C3 GOL K . 8.85 -14.28 11.61
O3 GOL K . 9.66 -13.68 10.62
H11 GOL K . 7.81 -15.53 13.49
H12 GOL K . 8.94 -16.88 13.34
HO1 GOL K . 8.73 -16.09 15.53
H2 GOL K . 10.25 -14.25 13.22
HO2 GOL K . 10.18 -16.52 11.47
H31 GOL K . 8.25 -13.52 12.10
H32 GOL K . 8.16 -14.99 11.14
HO3 GOL K . 9.11 -13.03 10.11
C TRS L . 22.76 -0.67 -33.48
C1 TRS L . 22.52 -1.94 -32.65
C2 TRS L . 21.49 -0.21 -34.18
C3 TRS L . 23.87 -0.85 -34.50
N TRS L . 23.12 0.43 -32.59
O1 TRS L . 23.52 -2.10 -31.67
O2 TRS L . 21.47 1.18 -34.05
O3 TRS L . 23.89 0.24 -35.40
H11 TRS L . 21.55 -1.87 -32.16
H12 TRS L . 22.50 -2.80 -33.31
H21 TRS L . 20.61 -0.65 -33.70
H22 TRS L . 21.52 -0.49 -35.23
H31 TRS L . 23.70 -1.78 -35.06
H32 TRS L . 24.83 -0.93 -34.00
HN1 TRS L . 22.44 0.63 -31.87
HN2 TRS L . 23.45 1.26 -33.07
HN3 TRS L . 23.93 0.10 -32.09
HO1 TRS L . 23.33 -2.92 -31.15
HO2 TRS L . 20.66 1.54 -34.48
HO3 TRS L . 24.61 0.11 -36.06
C TRS M . -2.41 -30.15 13.99
C1 TRS M . -2.05 -30.52 15.42
C2 TRS M . -3.91 -30.25 13.72
C3 TRS M . -1.63 -30.99 12.99
N TRS M . -1.97 -28.78 13.76
O1 TRS M . -2.32 -31.88 15.66
O2 TRS M . -4.64 -29.47 14.64
O3 TRS M . -0.31 -30.49 12.98
H11 TRS M . -0.99 -30.32 15.59
H12 TRS M . -2.63 -29.91 16.11
H21 TRS M . -4.12 -29.91 12.71
H22 TRS M . -4.23 -31.29 13.80
H31 TRS M . -2.07 -30.91 12.00
H32 TRS M . -1.63 -32.04 13.29
HN1 TRS M . -2.15 -28.44 12.81
HN2 TRS M . -1.04 -28.59 14.10
HN3 TRS M . -2.58 -28.22 14.35
HO1 TRS M . -2.08 -32.10 16.59
HO2 TRS M . -5.60 -29.54 14.44
HO3 TRS M . 0.23 -31.02 12.35
S SO4 N . -12.06 -43.56 8.61
O1 SO4 N . -12.17 -44.29 9.87
O2 SO4 N . -11.45 -42.25 8.86
O3 SO4 N . -13.37 -43.37 8.01
O4 SO4 N . -11.20 -44.31 7.69
S SO4 O . -3.06 -40.78 7.28
O1 SO4 O . -3.52 -41.45 8.48
O2 SO4 O . -2.70 -39.38 7.60
O3 SO4 O . -4.13 -40.81 6.27
O4 SO4 O . -1.86 -41.46 6.79
S SO4 P . 11.94 -4.90 -38.44
O1 SO4 P . 10.96 -5.33 -37.43
O2 SO4 P . 12.83 -3.84 -37.93
O3 SO4 P . 11.23 -4.38 -39.60
O4 SO4 P . 12.75 -6.05 -38.80
S SO4 Q . 14.44 3.43 -41.40
O1 SO4 Q . 15.36 4.29 -40.65
O2 SO4 Q . 13.21 3.17 -40.65
O3 SO4 Q . 15.08 2.15 -41.71
O4 SO4 Q . 14.09 4.11 -42.65
S SO4 R . 19.61 11.41 -43.54
O1 SO4 R . 20.54 12.22 -42.76
O2 SO4 R . 20.16 10.07 -43.72
O3 SO4 R . 19.39 12.03 -44.85
O4 SO4 R . 18.33 11.31 -42.86
S SO4 S . 11.67 -13.88 -35.51
O1 SO4 S . 10.97 -14.55 -34.42
O2 SO4 S . 12.54 -12.81 -35.01
O3 SO4 S . 10.71 -13.31 -36.44
O4 SO4 S . 12.51 -14.85 -36.21
S SO4 T . 13.87 -22.78 -32.72
O1 SO4 T . 14.93 -23.39 -31.91
O2 SO4 T . 13.98 -21.33 -32.69
O3 SO4 T . 14.00 -23.23 -34.10
O4 SO4 T . 12.57 -23.19 -32.19
C1 GOL U . 27.97 18.43 -28.71
O1 GOL U . 26.94 18.62 -27.76
C2 GOL U . 27.55 17.34 -29.69
O2 GOL U . 27.36 17.89 -30.97
C3 GOL U . 28.60 16.24 -29.75
O3 GOL U . 29.82 16.76 -30.24
H11 GOL U . 28.88 18.13 -28.20
H12 GOL U . 28.16 19.35 -29.25
HO1 GOL U . 27.24 19.28 -27.09
H2 GOL U . 26.62 16.90 -29.34
HO2 GOL U . 28.21 18.26 -31.29
H31 GOL U . 28.25 15.44 -30.40
H32 GOL U . 28.75 15.84 -28.75
HO3 GOL U . 30.08 16.26 -31.05
#